data_2XCO
#
_entry.id   2XCO
#
_cell.length_a   89.917
_cell.length_b   89.917
_cell.length_c   410.583
_cell.angle_alpha   90.00
_cell.angle_beta   90.00
_cell.angle_gamma   120.00
#
_symmetry.space_group_name_H-M   'P 61 2 2'
#
loop_
_entity.id
_entity.type
_entity.pdbx_description
1 polymer 'DNA GYRASE SUBUNIT B, DNA GYRASE SUBUNIT A'
2 non-polymer 'CALCIUM ION'
3 water water
#
_entity_poly.entity_id   1
_entity_poly.type   'polypeptide(L)'
_entity_poly.pdbx_seq_one_letter_code
;MDVASLPGKLADCSSKSPEECEIFLVEGDSAGGSTKSGRDSRTQAILPLRGKILNVEKARLDRILNNNEIRQMITAFGTG
IGGDFDLAKARYHKIVIMTDADVDGAHIRTLLLTFFYRFMRPLIEAGYVYIAQPPLYKLTQGKQKYYVYNDRELDKLKSE
LNPTPKWSIARYKGLGEMNADQLWETTMNPEHRALLQVKLEDAIEADQTFEMLMGDVVENRRQFIEDNAVYANLDFAELP
QSRINERNITSEMRESFLDYAMSVIVARALPDVRDGLKPVHRRILYGLNEQGMTPDKSYKKSARIVGDVMGKYHPHGDSS
IYEAMVRMAQDFSYRYPLVDGQGNFGSMDGDGAAAMRYTEARMTKITLELLRDINKDTIDFIDNYDGNEREPSVLPARFP
NLLANGASGIAVGMATNIPPHNLTELINGVLSLSKNPDISIAELMEDIEGPDFPTAGLILGKSGIRRAYETGRGSIQMRS
RAVIEERGGGRQRIVVTEIPFQVNKARMIEKIAELVRDKKIDGITDLRDETSLRTGVRVVIDVRKDANASVILNNLYKQT
PLQTSFGVNMIALVNGRPKLINLKEALVHYLEHQKTVVRRRTQYNLRKAKDRAHILEGLRIALDHIDEIISTIRESDTDK
VAMESLQQRFKLSEKQAQAILDMRLRRLTGLERDKIEAEYNELLNYISELETILADEEVLLQLVRDELTEIRDRFGDDRR
TEIQLG
;
_entity_poly.pdbx_strand_id   A
#
loop_
_chem_comp.id
_chem_comp.type
_chem_comp.name
_chem_comp.formula
CA non-polymer 'CALCIUM ION' 'Ca 2'
#
# COMPACT_ATOMS: atom_id res chain seq x y z
N SER A 5 18.90 -6.29 -41.37
CA SER A 5 19.89 -6.95 -40.53
C SER A 5 20.69 -5.97 -39.67
N LEU A 6 20.05 -5.46 -38.62
CA LEU A 6 20.75 -4.65 -37.62
C LEU A 6 21.76 -5.55 -36.95
N PRO A 7 23.03 -5.11 -36.92
CA PRO A 7 24.08 -5.96 -36.35
C PRO A 7 24.02 -6.04 -34.83
N GLY A 8 24.31 -4.94 -34.16
CA GLY A 8 24.46 -4.97 -32.71
C GLY A 8 23.20 -5.19 -31.92
N LYS A 9 22.07 -4.72 -32.45
CA LYS A 9 20.80 -4.80 -31.74
C LYS A 9 20.09 -6.13 -31.96
N LEU A 10 20.09 -6.60 -33.21
CA LEU A 10 19.39 -7.83 -33.55
C LEU A 10 20.29 -9.06 -33.63
N ALA A 11 19.80 -10.17 -33.10
CA ALA A 11 20.50 -11.45 -33.21
C ALA A 11 19.98 -12.16 -34.46
N ASP A 12 20.89 -12.51 -35.35
CA ASP A 12 20.52 -13.04 -36.64
C ASP A 12 20.51 -14.56 -36.63
N CYS A 13 19.83 -15.14 -37.61
CA CYS A 13 19.82 -16.58 -37.78
C CYS A 13 20.57 -16.95 -39.06
N SER A 14 20.97 -18.21 -39.16
CA SER A 14 21.69 -18.68 -40.34
C SER A 14 20.79 -18.72 -41.58
N SER A 15 19.65 -19.39 -41.47
CA SER A 15 18.70 -19.51 -42.56
C SER A 15 18.43 -18.15 -43.20
N LYS A 16 18.14 -18.16 -44.51
CA LYS A 16 17.92 -16.93 -45.26
C LYS A 16 16.58 -16.95 -46.01
N SER A 17 15.83 -18.03 -45.87
CA SER A 17 14.52 -18.12 -46.52
C SER A 17 13.40 -17.77 -45.56
N PRO A 18 12.78 -16.59 -45.76
CA PRO A 18 11.69 -16.02 -44.96
C PRO A 18 10.60 -17.02 -44.54
N GLU A 19 10.39 -18.07 -45.33
CA GLU A 19 9.41 -19.10 -44.98
C GLU A 19 9.80 -19.79 -43.67
N GLU A 20 11.08 -20.10 -43.52
CA GLU A 20 11.59 -20.76 -42.33
C GLU A 20 11.71 -19.81 -41.13
N CYS A 21 12.24 -18.62 -41.40
CA CYS A 21 12.64 -17.69 -40.33
C CYS A 21 11.47 -17.14 -39.51
N GLU A 22 11.78 -16.82 -38.25
CA GLU A 22 10.82 -16.22 -37.33
C GLU A 22 11.50 -15.26 -36.37
N ILE A 23 10.92 -14.07 -36.20
CA ILE A 23 11.52 -13.05 -35.36
C ILE A 23 10.71 -12.77 -34.10
N PHE A 24 11.37 -12.84 -32.95
CA PHE A 24 10.72 -12.57 -31.67
C PHE A 24 11.00 -11.16 -31.20
N LEU A 25 9.94 -10.40 -30.97
CA LEU A 25 10.05 -9.08 -30.37
C LEU A 25 9.83 -9.24 -28.87
N VAL A 26 10.91 -9.18 -28.10
CA VAL A 26 10.80 -9.28 -26.66
C VAL A 26 11.25 -7.98 -26.00
N GLU A 27 10.80 -7.76 -24.76
CA GLU A 27 11.26 -6.60 -24.02
C GLU A 27 12.67 -6.85 -23.50
N GLY A 28 13.60 -5.96 -23.87
CA GLY A 28 15.00 -6.13 -23.54
C GLY A 28 15.32 -6.72 -22.18
N ASP A 29 14.93 -6.02 -21.12
CA ASP A 29 15.19 -6.48 -19.76
C ASP A 29 14.32 -7.69 -19.43
N SER A 30 13.04 -7.60 -19.77
CA SER A 30 12.12 -8.70 -19.55
C SER A 30 12.76 -10.05 -19.86
N ALA A 31 13.20 -10.25 -21.09
CA ALA A 31 13.75 -11.53 -21.49
C ALA A 31 14.64 -11.45 -22.71
N GLY A 32 15.41 -10.37 -22.83
CA GLY A 32 16.32 -10.24 -23.95
C GLY A 32 17.36 -11.34 -24.02
N GLY A 33 18.14 -11.48 -22.96
CA GLY A 33 19.22 -12.44 -22.90
C GLY A 33 18.79 -13.89 -22.94
N SER A 34 17.87 -14.28 -22.06
CA SER A 34 17.40 -15.65 -21.99
C SER A 34 16.65 -16.07 -23.26
N THR A 35 16.08 -15.08 -23.94
CA THR A 35 15.41 -15.29 -25.22
C THR A 35 16.44 -15.51 -26.33
N LYS A 36 17.60 -14.90 -26.18
CA LYS A 36 18.68 -15.06 -27.15
C LYS A 36 19.36 -16.40 -26.95
N SER A 37 19.19 -16.98 -25.76
CA SER A 37 19.89 -18.20 -25.40
C SER A 37 19.11 -19.45 -25.81
N GLY A 38 17.82 -19.47 -25.50
CA GLY A 38 17.00 -20.64 -25.75
C GLY A 38 16.60 -20.84 -27.21
N ARG A 39 16.73 -19.79 -28.01
CA ARG A 39 16.30 -19.80 -29.40
C ARG A 39 16.99 -20.86 -30.23
N ASP A 40 16.43 -21.13 -31.41
CA ASP A 40 17.08 -21.98 -32.41
C ASP A 40 17.69 -21.05 -33.46
N SER A 41 18.94 -20.65 -33.24
CA SER A 41 19.59 -19.64 -34.07
C SER A 41 19.71 -20.01 -35.54
N ARG A 42 19.33 -21.23 -35.90
CA ARG A 42 19.38 -21.65 -37.29
C ARG A 42 18.22 -21.04 -38.06
N THR A 43 17.12 -20.77 -37.36
CA THR A 43 15.93 -20.20 -37.97
C THR A 43 15.27 -19.13 -37.10
N GLN A 44 15.83 -18.90 -35.92
CA GLN A 44 15.24 -17.93 -34.99
C GLN A 44 16.14 -16.72 -34.69
N ALA A 45 15.65 -15.54 -35.04
CA ALA A 45 16.37 -14.29 -34.81
C ALA A 45 15.61 -13.43 -33.82
N ILE A 46 16.33 -12.81 -32.88
CA ILE A 46 15.66 -12.01 -31.85
C ILE A 46 16.01 -10.52 -31.89
N LEU A 47 14.99 -9.69 -31.72
CA LEU A 47 15.16 -8.26 -31.62
C LEU A 47 14.59 -7.76 -30.31
N PRO A 48 15.46 -7.51 -29.31
CA PRO A 48 15.03 -6.98 -28.01
C PRO A 48 14.78 -5.48 -28.09
N LEU A 49 13.59 -5.06 -27.67
CA LEU A 49 13.23 -3.65 -27.69
C LEU A 49 13.57 -2.99 -26.37
N ARG A 50 14.21 -1.84 -26.43
CA ARG A 50 14.60 -1.11 -25.23
C ARG A 50 13.37 -0.50 -24.57
N GLY A 51 12.73 -1.27 -23.71
CA GLY A 51 11.48 -0.88 -23.06
C GLY A 51 11.34 0.60 -22.77
N LYS A 52 12.33 1.16 -22.09
CA LYS A 52 12.29 2.57 -21.68
C LYS A 52 11.95 3.51 -22.82
N ILE A 53 12.49 3.22 -24.00
CA ILE A 53 12.32 4.12 -25.15
C ILE A 53 10.87 4.19 -25.61
N LEU A 54 10.14 3.09 -25.47
CA LEU A 54 8.79 3.00 -26.02
C LEU A 54 7.71 3.66 -25.17
N ASN A 55 8.01 3.89 -23.89
CA ASN A 55 7.09 4.59 -23.00
C ASN A 55 5.84 3.78 -22.68
N LEU A 61 -2.20 7.24 -24.76
CA LEU A 61 -1.99 7.55 -26.16
C LEU A 61 -0.96 8.65 -26.33
N ASP A 62 0.28 8.25 -26.59
CA ASP A 62 1.39 9.20 -26.71
C ASP A 62 2.11 8.99 -28.03
N ARG A 63 1.49 9.43 -29.12
CA ARG A 63 2.02 9.22 -30.45
C ARG A 63 3.03 10.31 -30.82
N ILE A 64 3.97 9.96 -31.69
CA ILE A 64 5.00 10.89 -32.15
C ILE A 64 5.80 10.28 -33.29
N LEU A 65 6.83 11.01 -33.73
CA LEU A 65 7.72 10.51 -34.77
C LEU A 65 8.22 9.13 -34.37
N ASN A 66 8.42 8.27 -35.36
CA ASN A 66 8.85 6.90 -35.11
C ASN A 66 10.04 6.87 -34.18
N ASN A 67 10.06 5.87 -33.29
CA ASN A 67 11.18 5.69 -32.38
C ASN A 67 12.38 5.08 -33.10
N ASN A 68 13.57 5.32 -32.56
CA ASN A 68 14.75 4.64 -33.06
C ASN A 68 14.55 3.14 -32.87
N GLU A 69 13.82 2.78 -31.82
CA GLU A 69 13.49 1.38 -31.55
C GLU A 69 12.58 0.82 -32.64
N ILE A 70 11.50 1.55 -32.91
CA ILE A 70 10.53 1.13 -33.93
C ILE A 70 11.14 1.16 -35.32
N ARG A 71 11.92 2.20 -35.60
CA ARG A 71 12.61 2.31 -36.88
C ARG A 71 13.46 1.08 -37.13
N GLN A 72 14.07 0.56 -36.08
CA GLN A 72 14.87 -0.66 -36.18
C GLN A 72 13.97 -1.86 -36.46
N MET A 73 12.84 -1.91 -35.77
CA MET A 73 11.85 -2.97 -35.97
C MET A 73 11.49 -3.10 -37.45
N ILE A 74 11.27 -1.96 -38.08
CA ILE A 74 10.92 -1.91 -39.50
C ILE A 74 12.06 -2.43 -40.38
N THR A 75 13.23 -1.80 -40.25
CA THR A 75 14.41 -2.17 -41.01
C THR A 75 14.58 -3.68 -41.03
N ALA A 76 14.45 -4.29 -39.86
CA ALA A 76 14.67 -5.73 -39.71
C ALA A 76 13.61 -6.58 -40.42
N PHE A 77 12.36 -6.13 -40.39
CA PHE A 77 11.29 -6.84 -41.07
C PHE A 77 11.61 -6.96 -42.55
N GLY A 78 11.78 -5.81 -43.21
CA GLY A 78 12.16 -5.79 -44.61
C GLY A 78 11.09 -5.27 -45.55
N THR A 79 9.83 -5.33 -45.11
CA THR A 79 8.73 -4.87 -45.92
C THR A 79 8.71 -3.33 -45.96
N GLY A 80 8.82 -2.71 -44.79
CA GLY A 80 8.76 -1.27 -44.68
C GLY A 80 9.80 -0.57 -45.51
N LEU A 87 5.25 -4.21 -48.81
CA LEU A 87 6.08 -4.99 -49.71
C LEU A 87 6.13 -6.46 -49.30
N ALA A 88 6.12 -7.36 -50.29
CA ALA A 88 6.18 -8.78 -50.00
C ALA A 88 7.63 -9.23 -49.81
N LYS A 89 8.53 -8.26 -49.72
CA LYS A 89 9.95 -8.53 -49.54
C LYS A 89 10.29 -8.78 -48.08
N ALA A 90 9.30 -9.22 -47.31
CA ALA A 90 9.49 -9.45 -45.88
C ALA A 90 10.60 -10.47 -45.61
N ARG A 91 11.26 -10.32 -44.46
CA ARG A 91 12.32 -11.24 -44.07
C ARG A 91 11.84 -12.41 -43.21
N TYR A 92 10.86 -12.18 -42.36
CA TYR A 92 10.35 -13.24 -41.49
C TYR A 92 8.85 -13.39 -41.67
N HIS A 93 8.42 -14.60 -41.99
CA HIS A 93 6.99 -14.89 -42.16
C HIS A 93 6.25 -14.87 -40.83
N LYS A 94 6.94 -15.25 -39.76
CA LYS A 94 6.36 -15.21 -38.41
C LYS A 94 7.04 -14.14 -37.56
N ILE A 95 6.22 -13.32 -36.90
CA ILE A 95 6.73 -12.27 -36.03
C ILE A 95 6.11 -12.38 -34.64
N VAL A 96 6.75 -13.14 -33.76
CA VAL A 96 6.22 -13.35 -32.41
C VAL A 96 6.50 -12.17 -31.48
N ILE A 97 5.47 -11.75 -30.75
CA ILE A 97 5.61 -10.71 -29.74
C ILE A 97 5.63 -11.34 -28.34
N MET A 98 6.82 -11.45 -27.75
CA MET A 98 6.94 -11.92 -26.38
C MET A 98 6.97 -10.74 -25.40
N THR A 99 5.96 -10.68 -24.54
CA THR A 99 5.92 -9.66 -23.49
C THR A 99 5.37 -10.25 -22.19
N ASP A 100 5.68 -9.60 -21.07
CA ASP A 100 5.26 -10.09 -19.76
C ASP A 100 3.76 -9.98 -19.57
N ALA A 101 3.24 -10.71 -18.59
CA ALA A 101 1.82 -10.65 -18.24
C ALA A 101 1.53 -9.35 -17.51
N ASP A 102 2.50 -8.90 -16.72
CA ASP A 102 2.35 -7.75 -15.82
C ASP A 102 1.81 -6.51 -16.50
N VAL A 103 1.38 -5.55 -15.69
CA VAL A 103 0.91 -4.26 -16.18
C VAL A 103 1.79 -3.79 -17.33
N ASP A 104 3.07 -3.60 -17.00
CA ASP A 104 4.08 -3.13 -17.94
C ASP A 104 4.03 -3.91 -19.25
N GLY A 105 3.95 -5.23 -19.13
CA GLY A 105 3.97 -6.13 -20.27
C GLY A 105 2.88 -5.83 -21.27
N ALA A 106 1.65 -5.72 -20.79
CA ALA A 106 0.52 -5.43 -21.66
C ALA A 106 0.70 -4.10 -22.38
N HIS A 107 1.43 -3.18 -21.76
CA HIS A 107 1.74 -1.91 -22.40
C HIS A 107 2.33 -2.16 -23.77
N ILE A 108 3.53 -2.74 -23.77
CA ILE A 108 4.29 -3.00 -24.99
C ILE A 108 3.51 -3.87 -25.97
N ARG A 109 2.79 -4.85 -25.45
CA ARG A 109 2.00 -5.75 -26.29
C ARG A 109 0.98 -4.96 -27.09
N THR A 110 0.36 -3.97 -26.44
CA THR A 110 -0.66 -3.15 -27.06
C THR A 110 -0.05 -2.11 -27.98
N LEU A 111 0.94 -1.38 -27.46
CA LEU A 111 1.65 -0.38 -28.26
C LEU A 111 2.09 -0.99 -29.60
N LEU A 112 2.69 -2.18 -29.53
CA LEU A 112 3.19 -2.86 -30.71
C LEU A 112 2.04 -3.24 -31.65
N LEU A 113 1.07 -3.98 -31.12
CA LEU A 113 -0.11 -4.34 -31.91
C LEU A 113 -0.72 -3.09 -32.52
N THR A 114 -1.20 -2.20 -31.67
CA THR A 114 -1.76 -0.92 -32.10
C THR A 114 -0.94 -0.34 -33.25
N PHE A 115 0.37 -0.36 -33.08
CA PHE A 115 1.29 0.15 -34.11
C PHE A 115 1.09 -0.57 -35.44
N PHE A 116 1.22 -1.89 -35.43
CA PHE A 116 1.15 -2.67 -36.65
C PHE A 116 -0.04 -2.30 -37.52
N TYR A 117 -1.19 -2.10 -36.88
CA TYR A 117 -2.41 -1.74 -37.60
C TYR A 117 -2.23 -0.46 -38.42
N ARG A 118 -1.52 0.51 -37.84
CA ARG A 118 -1.49 1.86 -38.41
C ARG A 118 -0.56 2.06 -39.62
N PHE A 119 0.62 1.44 -39.61
CA PHE A 119 1.58 1.62 -40.70
C PHE A 119 2.01 0.29 -41.34
N MET A 120 1.42 -0.82 -40.88
CA MET A 120 1.85 -2.15 -41.34
C MET A 120 0.75 -3.19 -41.26
N ARG A 121 -0.45 -2.82 -41.70
CA ARG A 121 -1.62 -3.70 -41.61
C ARG A 121 -1.55 -4.96 -42.49
N PRO A 122 -0.92 -4.86 -43.68
CA PRO A 122 -0.84 -6.04 -44.53
C PRO A 122 -0.31 -7.25 -43.77
N LEU A 123 0.63 -7.02 -42.86
CA LEU A 123 1.19 -8.09 -42.03
C LEU A 123 0.11 -8.75 -41.19
N ILE A 124 -0.75 -7.94 -40.57
CA ILE A 124 -1.87 -8.46 -39.79
C ILE A 124 -2.81 -9.18 -40.73
N GLU A 125 -3.07 -8.56 -41.88
CA GLU A 125 -3.89 -9.16 -42.92
C GLU A 125 -3.29 -10.47 -43.40
N ALA A 126 -1.97 -10.54 -43.43
CA ALA A 126 -1.26 -11.71 -43.94
C ALA A 126 -1.07 -12.78 -42.87
N GLY A 127 -1.37 -12.44 -41.62
CA GLY A 127 -1.20 -13.37 -40.51
C GLY A 127 0.26 -13.64 -40.23
N TYR A 128 1.07 -12.59 -40.31
CA TYR A 128 2.51 -12.70 -40.10
C TYR A 128 2.91 -12.39 -38.65
N VAL A 129 2.01 -11.76 -37.91
CA VAL A 129 2.29 -11.42 -36.52
C VAL A 129 1.56 -12.34 -35.55
N TYR A 130 2.33 -13.01 -34.70
CA TYR A 130 1.76 -13.89 -33.68
C TYR A 130 1.99 -13.32 -32.30
N ILE A 131 1.50 -14.02 -31.28
CA ILE A 131 1.71 -13.61 -29.90
C ILE A 131 2.06 -14.80 -29.03
N ALA A 132 3.12 -14.64 -28.23
CA ALA A 132 3.64 -15.73 -27.42
C ALA A 132 2.67 -16.17 -26.32
N GLN A 133 2.71 -17.46 -26.01
CA GLN A 133 1.88 -18.01 -24.95
C GLN A 133 2.71 -18.88 -24.01
N PRO A 134 3.41 -18.24 -23.07
CA PRO A 134 4.22 -18.96 -22.09
C PRO A 134 3.33 -19.69 -21.11
N PRO A 135 3.89 -20.65 -20.37
CA PRO A 135 3.13 -21.28 -19.29
C PRO A 135 2.49 -20.22 -18.39
N LEU A 136 1.54 -20.61 -17.55
CA LEU A 136 0.89 -19.67 -16.67
C LEU A 136 1.03 -20.07 -15.22
N TYR A 137 1.03 -21.37 -14.96
CA TYR A 137 1.07 -21.89 -13.61
C TYR A 137 2.09 -22.99 -13.42
N LYS A 138 2.71 -23.01 -12.26
CA LYS A 138 3.59 -24.08 -11.85
C LYS A 138 3.11 -24.64 -10.52
N LEU A 139 2.66 -25.88 -10.52
CA LEU A 139 2.14 -26.52 -9.32
C LEU A 139 3.20 -27.39 -8.65
N THR A 140 3.70 -26.94 -7.51
CA THR A 140 4.75 -27.67 -6.83
C THR A 140 4.19 -28.62 -5.77
N GLN A 141 4.16 -29.89 -6.12
CA GLN A 141 3.63 -30.91 -5.23
C GLN A 141 4.36 -32.24 -5.48
N LYS A 143 11.19 -33.81 -6.66
CA LYS A 143 10.58 -32.51 -6.89
C LYS A 143 9.74 -32.53 -8.17
N GLN A 144 8.42 -32.51 -8.00
CA GLN A 144 7.51 -32.51 -9.15
C GLN A 144 6.67 -31.24 -9.19
N LYS A 145 6.68 -30.58 -10.36
CA LYS A 145 5.89 -29.37 -10.57
C LYS A 145 5.24 -29.40 -11.96
N TYR A 146 4.24 -28.54 -12.17
CA TYR A 146 3.45 -28.59 -13.39
C TYR A 146 3.51 -27.34 -14.28
N TYR A 147 3.15 -27.52 -15.56
CA TYR A 147 3.19 -26.45 -16.56
C TYR A 147 1.82 -26.21 -17.17
N VAL A 148 0.96 -25.45 -16.48
CA VAL A 148 -0.38 -25.17 -16.99
C VAL A 148 -0.46 -23.84 -17.74
N TYR A 149 -1.35 -23.76 -18.72
CA TYR A 149 -1.46 -22.59 -19.58
C TYR A 149 -2.75 -21.78 -19.41
N ASN A 150 -3.78 -22.38 -18.82
CA ASN A 150 -5.00 -21.66 -18.50
C ASN A 150 -5.79 -22.30 -17.35
N ASP A 151 -6.54 -21.47 -16.64
CA ASP A 151 -7.29 -21.89 -15.46
C ASP A 151 -7.98 -23.24 -15.60
N ARG A 152 -8.67 -23.45 -16.71
CA ARG A 152 -9.40 -24.69 -16.95
C ARG A 152 -8.47 -25.89 -16.92
N GLU A 153 -7.31 -25.74 -17.56
CA GLU A 153 -6.30 -26.78 -17.57
C GLU A 153 -5.79 -26.98 -16.15
N LEU A 154 -5.64 -25.87 -15.43
CA LEU A 154 -5.21 -25.90 -14.04
C LEU A 154 -6.26 -26.56 -13.16
N ASP A 155 -7.51 -26.13 -13.29
CA ASP A 155 -8.59 -26.70 -12.52
C ASP A 155 -8.64 -28.21 -12.69
N LYS A 156 -8.50 -28.66 -13.94
CA LYS A 156 -8.48 -30.08 -14.24
C LYS A 156 -7.22 -30.72 -13.68
N LEU A 157 -6.11 -29.99 -13.72
CA LEU A 157 -4.85 -30.47 -13.20
C LEU A 157 -4.95 -30.79 -11.71
N LYS A 158 -5.43 -29.81 -10.94
CA LYS A 158 -5.52 -29.94 -9.48
C LYS A 158 -6.51 -31.02 -9.04
N SER A 159 -7.63 -31.12 -9.75
CA SER A 159 -8.64 -32.13 -9.40
C SER A 159 -8.17 -33.53 -9.78
N GLU A 160 -7.51 -33.63 -10.93
CA GLU A 160 -6.94 -34.90 -11.34
C GLU A 160 -5.82 -35.29 -10.39
N SER A 168 2.47 -25.50 -3.89
CA SER A 168 1.30 -24.67 -4.11
C SER A 168 1.30 -24.13 -5.53
N ILE A 169 0.27 -23.37 -5.87
CA ILE A 169 0.26 -22.69 -7.15
C ILE A 169 1.20 -21.50 -7.11
N ALA A 170 1.75 -21.15 -8.26
CA ALA A 170 2.54 -19.94 -8.42
C ALA A 170 2.38 -19.50 -9.86
N ARG A 171 1.76 -18.35 -10.08
CA ARG A 171 1.46 -17.91 -11.43
C ARG A 171 2.64 -17.15 -12.04
N TYR A 172 3.13 -17.65 -13.17
CA TYR A 172 4.14 -16.94 -13.94
C TYR A 172 3.57 -15.62 -14.40
N LYS A 173 4.16 -14.52 -13.95
CA LYS A 173 3.75 -13.20 -14.43
C LYS A 173 4.95 -12.40 -14.92
N GLY A 174 6.04 -13.12 -15.18
CA GLY A 174 7.24 -12.54 -15.77
C GLY A 174 8.03 -13.58 -16.55
N LEU A 175 8.33 -13.29 -17.81
CA LEU A 175 9.14 -14.18 -18.64
C LEU A 175 10.53 -14.36 -18.06
N GLY A 176 10.99 -13.36 -17.30
CA GLY A 176 12.31 -13.40 -16.70
C GLY A 176 12.40 -14.37 -15.55
N GLU A 177 11.27 -14.98 -15.19
CA GLU A 177 11.25 -16.01 -14.15
C GLU A 177 11.75 -17.33 -14.71
N MET A 178 11.66 -17.47 -16.02
CA MET A 178 12.01 -18.72 -16.68
C MET A 178 13.44 -18.76 -17.20
N ASN A 179 14.05 -19.93 -17.12
CA ASN A 179 15.36 -20.16 -17.70
C ASN A 179 15.27 -20.19 -19.23
N ALA A 180 16.42 -20.23 -19.88
CA ALA A 180 16.45 -20.30 -21.34
C ALA A 180 15.71 -21.54 -21.84
N ASP A 181 16.25 -22.71 -21.52
CA ASP A 181 15.71 -23.98 -22.01
C ASP A 181 14.20 -24.16 -21.78
N GLN A 182 13.71 -23.72 -20.62
CA GLN A 182 12.29 -23.77 -20.34
C GLN A 182 11.55 -22.79 -21.23
N LEU A 183 12.07 -21.57 -21.34
CA LEU A 183 11.50 -20.57 -22.24
C LEU A 183 11.41 -21.17 -23.63
N TRP A 184 12.51 -21.77 -24.08
CA TRP A 184 12.55 -22.46 -25.35
C TRP A 184 11.51 -23.59 -25.42
N GLU A 185 11.64 -24.57 -24.53
CA GLU A 185 10.79 -25.75 -24.57
C GLU A 185 9.30 -25.43 -24.53
N THR A 186 8.91 -24.53 -23.65
CA THR A 186 7.50 -24.24 -23.44
C THR A 186 6.90 -23.19 -24.38
N THR A 187 7.72 -22.24 -24.81
CA THR A 187 7.17 -21.06 -25.49
C THR A 187 7.65 -20.77 -26.92
N MET A 188 8.88 -21.14 -27.25
CA MET A 188 9.39 -20.83 -28.59
C MET A 188 9.87 -22.02 -29.43
N ASN A 189 9.80 -23.22 -28.85
CA ASN A 189 10.10 -24.44 -29.59
C ASN A 189 8.85 -24.92 -30.33
N PRO A 190 8.88 -24.91 -31.67
CA PRO A 190 7.71 -25.20 -32.51
C PRO A 190 7.06 -26.54 -32.18
N GLU A 191 7.87 -27.54 -31.84
CA GLU A 191 7.32 -28.85 -31.51
C GLU A 191 6.28 -28.76 -30.41
N HIS A 192 6.58 -28.00 -29.36
CA HIS A 192 5.70 -27.93 -28.19
C HIS A 192 4.90 -26.64 -28.07
N ARG A 193 5.34 -25.59 -28.77
CA ARG A 193 4.75 -24.26 -28.59
C ARG A 193 3.32 -24.16 -29.11
N ALA A 194 2.60 -23.17 -28.60
CA ALA A 194 1.21 -22.94 -28.99
C ALA A 194 0.95 -21.45 -29.26
N LEU A 195 1.47 -20.97 -30.38
CA LEU A 195 1.31 -19.57 -30.78
C LEU A 195 -0.15 -19.15 -30.97
N LEU A 196 -0.34 -17.84 -31.12
CA LEU A 196 -1.66 -17.28 -31.37
C LEU A 196 -1.57 -16.28 -32.52
N GLN A 197 -2.24 -16.58 -33.63
CA GLN A 197 -2.34 -15.59 -34.70
C GLN A 197 -3.16 -14.43 -34.17
N VAL A 198 -3.23 -13.33 -34.92
CA VAL A 198 -3.93 -12.14 -34.43
C VAL A 198 -5.10 -11.75 -35.31
N LYS A 199 -6.04 -11.09 -34.85
N MET A 262 -5.06 -5.64 -14.99
CA MET A 262 -5.40 -4.30 -14.53
C MET A 262 -5.97 -4.33 -13.11
N SER A 263 -6.03 -5.53 -12.52
CA SER A 263 -6.40 -5.66 -11.12
C SER A 263 -5.22 -5.24 -10.25
N VAL A 264 -4.02 -5.41 -10.79
CA VAL A 264 -2.81 -4.97 -10.11
C VAL A 264 -2.80 -3.45 -10.06
N ILE A 265 -3.00 -2.81 -11.21
CA ILE A 265 -3.09 -1.36 -11.26
C ILE A 265 -4.09 -0.85 -10.23
N VAL A 266 -5.27 -1.46 -10.22
CA VAL A 266 -6.34 -1.09 -9.30
C VAL A 266 -5.90 -1.24 -7.85
N ALA A 267 -6.08 -2.43 -7.30
CA ALA A 267 -5.83 -2.70 -5.88
C ALA A 267 -4.49 -2.15 -5.37
N ARG A 268 -3.52 -1.99 -6.28
CA ARG A 268 -2.19 -1.55 -5.88
C ARG A 268 -2.08 -0.07 -5.57
N ALA A 269 -3.11 0.70 -5.91
CA ALA A 269 -3.09 2.13 -5.64
C ALA A 269 -4.11 2.54 -4.59
N LEU A 270 -5.36 2.14 -4.81
CA LEU A 270 -6.46 2.55 -3.95
C LEU A 270 -6.31 2.04 -2.52
N PRO A 271 -6.64 2.91 -1.55
CA PRO A 271 -6.61 2.54 -0.13
C PRO A 271 -7.80 1.67 0.21
N ASP A 272 -7.62 0.73 1.14
CA ASP A 272 -8.76 0.01 1.69
C ASP A 272 -9.56 1.01 2.52
N VAL A 273 -10.88 1.00 2.36
CA VAL A 273 -11.72 1.94 3.09
C VAL A 273 -11.72 1.66 4.60
N ARG A 274 -11.12 0.54 4.98
CA ARG A 274 -11.17 0.11 6.37
C ARG A 274 -10.03 0.68 7.23
N ASP A 275 -8.84 0.80 6.65
CA ASP A 275 -7.69 1.30 7.40
C ASP A 275 -6.99 2.46 6.70
N GLY A 276 -7.47 2.82 5.51
CA GLY A 276 -6.94 3.96 4.79
C GLY A 276 -5.63 3.69 4.09
N LEU A 277 -5.00 2.56 4.41
CA LEU A 277 -3.68 2.27 3.87
C LEU A 277 -3.76 1.64 2.48
N LYS A 278 -2.75 1.90 1.67
CA LYS A 278 -2.64 1.27 0.37
C LYS A 278 -1.44 0.33 0.46
N PRO A 279 -1.45 -0.75 -0.35
CA PRO A 279 -0.46 -1.83 -0.26
C PRO A 279 0.92 -1.47 0.33
N VAL A 280 1.63 -0.50 -0.23
CA VAL A 280 2.98 -0.18 0.26
C VAL A 280 2.98 0.31 1.70
N HIS A 281 2.07 1.21 2.02
CA HIS A 281 1.98 1.76 3.38
C HIS A 281 1.72 0.68 4.42
N ARG A 282 0.71 -0.15 4.17
CA ARG A 282 0.33 -1.20 5.13
C ARG A 282 1.50 -2.14 5.36
N ARG A 283 2.14 -2.55 4.27
CA ARG A 283 3.33 -3.40 4.37
C ARG A 283 4.40 -2.73 5.22
N ILE A 284 4.56 -1.42 5.05
CA ILE A 284 5.57 -0.66 5.76
C ILE A 284 5.29 -0.66 7.26
N LEU A 285 4.08 -0.24 7.62
CA LEU A 285 3.70 -0.16 9.02
C LEU A 285 3.77 -1.56 9.63
N TYR A 286 3.51 -2.57 8.81
CA TYR A 286 3.57 -3.95 9.28
C TYR A 286 5.01 -4.37 9.55
N GLY A 287 5.91 -3.97 8.66
CA GLY A 287 7.32 -4.29 8.81
C GLY A 287 7.93 -3.57 9.98
N LEU A 288 7.36 -2.41 10.32
CA LEU A 288 7.77 -1.68 11.52
C LEU A 288 7.36 -2.47 12.75
N ASN A 289 6.15 -3.01 12.71
CA ASN A 289 5.62 -3.80 13.81
C ASN A 289 6.36 -5.12 13.99
N GLU A 290 6.59 -5.81 12.89
CA GLU A 290 7.23 -7.12 12.92
C GLU A 290 8.66 -7.07 13.47
N GLN A 291 9.34 -5.96 13.24
CA GLN A 291 10.70 -5.80 13.73
C GLN A 291 10.71 -5.08 15.08
N GLY A 292 9.52 -4.86 15.62
CA GLY A 292 9.37 -4.23 16.93
C GLY A 292 10.07 -2.89 17.04
N MET A 293 9.85 -2.03 16.06
CA MET A 293 10.40 -0.69 16.10
C MET A 293 9.35 0.23 16.69
N THR A 294 8.96 -0.10 17.92
CA THR A 294 7.96 0.65 18.65
C THR A 294 8.49 2.01 19.12
N PRO A 295 7.58 2.93 19.50
CA PRO A 295 8.03 4.27 19.87
C PRO A 295 8.91 4.28 21.11
N ASP A 296 8.83 3.22 21.92
CA ASP A 296 9.58 3.15 23.17
C ASP A 296 11.03 2.73 22.96
N LYS A 297 11.31 2.09 21.83
CA LYS A 297 12.67 1.67 21.53
C LYS A 297 13.36 2.67 20.60
N SER A 298 14.67 2.50 20.40
CA SER A 298 15.46 3.51 19.69
C SER A 298 15.19 3.55 18.19
N TYR A 299 15.50 4.69 17.60
CA TYR A 299 15.36 4.84 16.15
C TYR A 299 16.24 3.82 15.46
N LYS A 300 15.70 3.20 14.41
CA LYS A 300 16.47 2.30 13.56
C LYS A 300 16.72 2.97 12.22
N LYS A 301 17.88 2.69 11.63
CA LYS A 301 18.21 3.32 10.35
C LYS A 301 17.14 2.98 9.32
N SER A 302 16.84 3.91 8.43
CA SER A 302 15.77 3.72 7.45
C SER A 302 15.99 2.53 6.55
N ALA A 303 17.22 2.33 6.12
CA ALA A 303 17.54 1.19 5.25
C ALA A 303 17.10 -0.12 5.89
N ARG A 304 17.13 -0.17 7.22
CA ARG A 304 16.77 -1.38 7.96
C ARG A 304 15.30 -1.74 7.82
N ILE A 305 14.49 -0.78 7.38
CA ILE A 305 13.07 -1.00 7.21
C ILE A 305 12.73 -1.18 5.74
N VAL A 306 13.31 -0.30 4.91
CA VAL A 306 13.20 -0.42 3.47
C VAL A 306 13.62 -1.83 3.03
N GLY A 307 14.80 -2.24 3.49
CA GLY A 307 15.36 -3.53 3.11
C GLY A 307 14.48 -4.70 3.51
N ASP A 308 13.89 -4.62 4.70
CA ASP A 308 12.99 -5.67 5.19
C ASP A 308 11.71 -5.77 4.37
N VAL A 309 11.01 -4.64 4.25
CA VAL A 309 9.76 -4.60 3.50
C VAL A 309 9.95 -5.03 2.04
N MET A 310 11.00 -4.54 1.41
CA MET A 310 11.26 -4.81 0.00
C MET A 310 11.48 -6.30 -0.25
N GLY A 311 12.16 -6.95 0.68
CA GLY A 311 12.49 -8.35 0.52
C GLY A 311 11.39 -9.32 0.92
N LYS A 312 10.45 -8.86 1.74
CA LYS A 312 9.42 -9.74 2.28
C LYS A 312 8.02 -9.44 1.77
N TYR A 313 7.74 -8.18 1.48
CA TYR A 313 6.38 -7.81 1.09
C TYR A 313 6.26 -7.07 -0.23
N HIS A 314 7.27 -6.25 -0.55
CA HIS A 314 7.20 -5.33 -1.66
C HIS A 314 8.48 -5.34 -2.49
N PRO A 315 8.59 -6.30 -3.42
CA PRO A 315 9.81 -6.55 -4.18
C PRO A 315 10.10 -5.56 -5.30
N HIS A 316 10.17 -4.27 -5.00
CA HIS A 316 10.51 -3.26 -6.00
C HIS A 316 11.62 -2.32 -5.53
N GLY A 317 11.93 -1.32 -6.35
CA GLY A 317 12.98 -0.37 -6.03
C GLY A 317 12.85 0.18 -4.62
N ASP A 318 13.98 0.34 -3.95
CA ASP A 318 14.01 0.93 -2.62
C ASP A 318 13.32 2.28 -2.63
N SER A 319 13.51 3.00 -3.72
CA SER A 319 12.95 4.34 -3.90
C SER A 319 11.47 4.41 -3.56
N SER A 320 10.69 3.46 -4.07
CA SER A 320 9.24 3.48 -3.89
C SER A 320 8.86 3.35 -2.43
N ILE A 321 9.58 2.50 -1.71
CA ILE A 321 9.31 2.20 -0.32
C ILE A 321 9.77 3.34 0.58
N TYR A 322 10.99 3.80 0.35
CA TYR A 322 11.55 4.89 1.14
C TYR A 322 10.74 6.17 0.94
N GLU A 323 10.36 6.45 -0.30
CA GLU A 323 9.56 7.64 -0.56
C GLU A 323 8.25 7.57 0.21
N ALA A 324 7.57 6.45 0.10
CA ALA A 324 6.28 6.27 0.76
C ALA A 324 6.42 6.34 2.27
N MET A 325 7.57 5.87 2.78
CA MET A 325 7.84 5.91 4.22
C MET A 325 8.16 7.32 4.67
N VAL A 326 8.97 8.01 3.89
CA VAL A 326 9.25 9.42 4.16
C VAL A 326 7.93 10.19 4.24
N ARG A 327 7.07 9.98 3.25
CA ARG A 327 5.81 10.70 3.18
C ARG A 327 5.00 10.56 4.47
N MET A 328 4.99 9.37 5.06
CA MET A 328 4.21 9.15 6.27
C MET A 328 4.81 9.84 7.48
N ALA A 329 6.02 10.36 7.32
CA ALA A 329 6.75 10.96 8.43
C ALA A 329 6.74 12.49 8.43
N GLN A 330 6.05 13.09 7.45
CA GLN A 330 6.13 14.54 7.27
C GLN A 330 4.93 15.25 7.88
N ASP A 331 5.20 16.09 8.88
CA ASP A 331 4.19 16.92 9.54
C ASP A 331 3.30 17.68 8.56
N PHE A 332 3.86 18.04 7.40
CA PHE A 332 3.13 18.78 6.38
C PHE A 332 2.48 17.88 5.33
N SER A 333 2.55 16.57 5.54
CA SER A 333 1.97 15.62 4.60
C SER A 333 0.89 14.79 5.26
N TYR A 334 1.13 14.37 6.49
CA TYR A 334 0.15 13.59 7.23
C TYR A 334 -0.39 14.40 8.41
N ARG A 335 -1.72 14.49 8.50
CA ARG A 335 -2.35 15.11 9.66
C ARG A 335 -1.94 14.37 10.92
N TYR A 336 -1.54 13.11 10.74
CA TYR A 336 -1.18 12.25 11.85
C TYR A 336 -0.06 11.32 11.45
N PRO A 337 1.16 11.86 11.36
CA PRO A 337 2.31 11.08 10.92
C PRO A 337 2.28 9.67 11.51
N LEU A 338 2.56 8.68 10.67
CA LEU A 338 2.54 7.28 11.09
C LEU A 338 3.96 6.82 11.32
N VAL A 339 4.90 7.56 10.75
CA VAL A 339 6.31 7.25 10.97
C VAL A 339 6.96 8.37 11.76
N ASP A 340 7.88 7.98 12.65
CA ASP A 340 8.62 8.92 13.46
C ASP A 340 10.05 8.98 12.96
N GLY A 341 10.36 9.99 12.16
CA GLY A 341 11.67 10.09 11.53
C GLY A 341 12.66 10.95 12.28
N GLN A 342 13.95 10.67 12.07
CA GLN A 342 15.03 11.48 12.61
C GLN A 342 16.04 11.77 11.52
N GLY A 343 16.31 13.05 11.28
CA GLY A 343 17.23 13.46 10.23
C GLY A 343 16.55 14.33 9.20
N ASN A 344 17.10 14.38 7.99
CA ASN A 344 16.54 15.19 6.93
C ASN A 344 15.46 14.45 6.17
N PHE A 345 14.24 15.00 6.17
CA PHE A 345 13.11 14.32 5.55
C PHE A 345 12.38 15.19 4.55
N GLY A 346 13.11 16.10 3.91
CA GLY A 346 12.54 16.92 2.86
C GLY A 346 11.84 18.16 3.36
N SER A 347 10.99 18.75 2.53
CA SER A 347 10.34 20.01 2.85
C SER A 347 9.16 20.28 1.93
N MET A 348 8.41 21.34 2.24
CA MET A 348 7.28 21.73 1.41
C MET A 348 7.74 22.15 0.02
N ASP A 349 9.02 22.49 -0.10
CA ASP A 349 9.58 22.93 -1.37
C ASP A 349 9.96 21.76 -2.26
N GLY A 350 9.64 20.55 -1.81
CA GLY A 350 10.03 19.37 -2.52
C GLY A 350 11.51 19.07 -2.34
N ASP A 351 12.10 19.62 -1.29
CA ASP A 351 13.44 19.23 -0.89
C ASP A 351 13.41 17.74 -0.66
N GLY A 352 14.44 17.03 -1.09
CA GLY A 352 14.48 15.59 -0.90
C GLY A 352 14.81 15.21 0.53
N ALA A 353 14.63 13.92 0.84
CA ALA A 353 15.04 13.39 2.13
C ALA A 353 16.46 12.85 2.00
N ALA A 354 17.14 12.72 3.13
CA ALA A 354 18.51 12.21 3.11
C ALA A 354 18.54 10.73 2.73
N ALA A 355 19.74 10.18 2.56
CA ALA A 355 19.89 8.77 2.23
C ALA A 355 19.25 7.89 3.28
N MET A 356 18.72 6.75 2.85
CA MET A 356 18.03 5.86 3.78
C MET A 356 18.96 5.30 4.85
N ARG A 357 20.26 5.31 4.59
CA ARG A 357 21.22 4.78 5.54
C ARG A 357 21.66 5.87 6.50
N TYR A 358 21.08 7.06 6.35
CA TYR A 358 21.39 8.20 7.21
C TYR A 358 20.22 8.56 8.11
N THR A 359 19.04 8.66 7.52
CA THR A 359 17.84 8.99 8.27
C THR A 359 17.40 7.80 9.12
N GLU A 360 16.85 8.10 10.29
CA GLU A 360 16.36 7.07 11.19
C GLU A 360 14.84 7.17 11.30
N ALA A 361 14.20 6.05 11.62
CA ALA A 361 12.75 6.01 11.69
C ALA A 361 12.24 4.97 12.65
N ARG A 362 11.09 5.24 13.25
CA ARG A 362 10.42 4.31 14.14
C ARG A 362 8.93 4.57 14.16
N MET A 363 8.18 3.71 14.84
CA MET A 363 6.74 3.87 14.93
C MET A 363 6.34 5.15 15.64
N THR A 364 5.29 5.77 15.15
CA THR A 364 4.63 6.86 15.84
C THR A 364 3.67 6.27 16.88
N LYS A 365 3.46 6.96 17.99
CA LYS A 365 2.59 6.42 19.04
C LYS A 365 1.17 6.15 18.53
N ILE A 366 0.69 7.00 17.62
CA ILE A 366 -0.64 6.79 17.06
C ILE A 366 -0.69 5.55 16.18
N THR A 367 0.46 5.18 15.62
CA THR A 367 0.56 3.99 14.76
C THR A 367 0.29 2.70 15.55
N LEU A 368 0.57 2.73 16.85
CA LEU A 368 0.34 1.57 17.68
C LEU A 368 -1.15 1.26 17.76
N GLU A 369 -1.96 2.31 17.71
CA GLU A 369 -3.41 2.16 17.65
C GLU A 369 -3.82 1.64 16.28
N LEU A 370 -2.87 1.63 15.35
CA LEU A 370 -3.16 1.18 14.00
C LEU A 370 -2.84 -0.30 13.85
N LEU A 371 -1.91 -0.79 14.66
CA LEU A 371 -1.53 -2.20 14.63
C LEU A 371 -1.95 -2.90 15.93
N ARG A 372 -2.79 -2.25 16.72
CA ARG A 372 -3.19 -2.80 18.01
C ARG A 372 -3.96 -4.10 17.82
N ASP A 373 -3.48 -5.16 18.44
CA ASP A 373 -4.17 -6.46 18.45
C ASP A 373 -4.02 -7.23 17.14
N ILE A 374 -3.15 -6.76 16.23
CA ILE A 374 -3.00 -7.39 14.93
C ILE A 374 -2.74 -8.90 15.02
N ASN A 375 -2.13 -9.32 16.12
CA ASN A 375 -1.78 -10.74 16.30
C ASN A 375 -2.79 -11.49 17.17
N LYS A 376 -3.98 -10.92 17.33
CA LYS A 376 -5.05 -11.56 18.06
C LYS A 376 -6.16 -11.95 17.09
N ASP A 377 -5.78 -12.47 15.94
CA ASP A 377 -6.75 -12.95 14.96
C ASP A 377 -7.89 -11.95 14.74
N THR A 378 -7.53 -10.69 14.48
CA THR A 378 -8.52 -9.65 14.25
C THR A 378 -8.70 -9.34 12.76
N ILE A 379 -7.71 -9.73 11.97
CA ILE A 379 -7.78 -9.51 10.53
C ILE A 379 -7.20 -10.72 9.82
N ASP A 380 -7.68 -10.97 8.61
CA ASP A 380 -7.19 -12.09 7.83
C ASP A 380 -5.81 -11.81 7.25
N PHE A 381 -4.88 -12.71 7.49
CA PHE A 381 -3.58 -12.64 6.84
C PHE A 381 -3.63 -13.32 5.48
N ILE A 382 -2.67 -13.00 4.62
CA ILE A 382 -2.59 -13.60 3.30
C ILE A 382 -1.16 -13.98 3.01
N ASP A 383 -0.94 -14.71 1.92
CA ASP A 383 0.42 -15.05 1.53
C ASP A 383 1.12 -13.86 0.90
N ASN A 384 2.43 -13.76 1.12
CA ASN A 384 3.22 -12.69 0.50
C ASN A 384 3.52 -13.04 -0.94
N TYR A 385 3.98 -12.06 -1.71
CA TYR A 385 4.18 -12.19 -3.15
C TYR A 385 4.84 -13.49 -3.60
N ASP A 386 5.62 -14.12 -2.74
CA ASP A 386 6.37 -15.32 -3.13
C ASP A 386 6.07 -16.56 -2.28
N GLY A 387 5.25 -16.41 -1.24
CA GLY A 387 4.77 -17.53 -0.46
C GLY A 387 5.55 -17.90 0.79
N ASN A 388 6.66 -17.20 1.03
CA ASN A 388 7.50 -17.51 2.18
C ASN A 388 7.16 -16.69 3.42
N GLU A 389 6.25 -15.73 3.29
CA GLU A 389 5.88 -14.87 4.42
C GLU A 389 4.37 -14.67 4.48
N ARG A 390 3.91 -14.02 5.56
CA ARG A 390 2.48 -13.75 5.76
C ARG A 390 2.27 -12.27 6.04
N GLU A 391 1.22 -11.69 5.47
CA GLU A 391 0.98 -10.25 5.62
C GLU A 391 -0.51 -9.92 5.74
N PRO A 392 -0.81 -8.84 6.46
CA PRO A 392 -2.17 -8.36 6.76
C PRO A 392 -2.89 -7.79 5.54
N SER A 393 -4.09 -8.30 5.25
CA SER A 393 -4.92 -7.72 4.20
C SER A 393 -5.46 -6.38 4.68
N VAL A 394 -5.58 -6.24 5.99
CA VAL A 394 -5.91 -4.98 6.63
C VAL A 394 -5.29 -4.95 8.02
N LEU A 395 -5.22 -3.75 8.60
CA LEU A 395 -4.81 -3.60 9.98
C LEU A 395 -6.07 -3.37 10.80
N PRO A 396 -5.97 -3.57 12.13
CA PRO A 396 -7.12 -3.26 13.01
C PRO A 396 -7.58 -1.81 12.85
N ALA A 397 -6.63 -0.90 12.67
CA ALA A 397 -6.94 0.51 12.44
C ALA A 397 -7.91 1.03 13.49
N ARG A 398 -7.43 1.23 14.71
CA ARG A 398 -8.29 1.64 15.81
C ARG A 398 -8.67 3.12 15.79
N PHE A 399 -8.28 3.83 14.73
CA PHE A 399 -8.84 5.14 14.46
C PHE A 399 -9.17 5.25 12.96
N PRO A 400 -10.13 6.12 12.61
CA PRO A 400 -10.58 6.29 11.22
C PRO A 400 -9.48 6.88 10.34
N ASN A 401 -8.53 6.04 9.92
CA ASN A 401 -7.33 6.52 9.24
C ASN A 401 -7.53 7.04 7.82
N LEU A 402 -8.42 6.40 7.06
CA LEU A 402 -8.67 6.81 5.69
C LEU A 402 -9.05 8.28 5.65
N LEU A 403 -10.09 8.63 6.40
CA LEU A 403 -10.56 10.01 6.44
C LEU A 403 -9.58 10.88 7.19
N ALA A 404 -9.03 10.35 8.27
CA ALA A 404 -8.09 11.11 9.10
C ALA A 404 -6.89 11.62 8.31
N ASN A 405 -6.11 10.69 7.80
CA ASN A 405 -4.89 11.03 7.06
C ASN A 405 -5.11 11.30 5.58
N GLY A 406 -6.29 10.93 5.07
CA GLY A 406 -6.60 11.13 3.67
C GLY A 406 -6.01 10.07 2.78
N ALA A 407 -6.17 10.26 1.47
CA ALA A 407 -5.62 9.36 0.47
C ALA A 407 -5.35 10.21 -0.77
N SER A 408 -4.30 9.88 -1.50
CA SER A 408 -3.77 10.84 -2.47
C SER A 408 -3.48 10.25 -3.85
N GLY A 409 -3.57 11.09 -4.87
CA GLY A 409 -3.23 10.68 -6.23
C GLY A 409 -2.00 11.38 -6.76
N GLY A 413 -1.21 8.93 -12.48
CA GLY A 413 -2.65 9.08 -12.38
C GLY A 413 -3.14 9.16 -10.95
N MET A 414 -4.22 9.90 -10.74
CA MET A 414 -4.86 9.97 -9.42
C MET A 414 -6.29 9.45 -9.47
N ALA A 415 -6.44 8.14 -9.30
CA ALA A 415 -7.74 7.49 -9.35
C ALA A 415 -8.62 7.93 -8.19
N THR A 416 -7.99 8.21 -7.06
CA THR A 416 -8.71 8.73 -5.90
C THR A 416 -8.04 9.97 -5.31
N ASN A 417 -8.81 10.71 -4.52
CA ASN A 417 -8.31 11.91 -3.87
C ASN A 417 -9.18 12.22 -2.66
N ILE A 418 -8.70 11.85 -1.49
CA ILE A 418 -9.40 12.09 -0.23
C ILE A 418 -8.56 13.01 0.65
N PRO A 419 -9.20 13.97 1.34
CA PRO A 419 -8.48 14.94 2.16
C PRO A 419 -8.41 14.51 3.62
N PRO A 420 -7.42 15.02 4.36
CA PRO A 420 -7.29 14.79 5.80
C PRO A 420 -8.49 15.37 6.56
N HIS A 421 -8.71 14.90 7.78
CA HIS A 421 -9.79 15.42 8.61
C HIS A 421 -9.36 15.50 10.07
N ASN A 422 -10.20 16.07 10.92
CA ASN A 422 -9.88 16.14 12.33
C ASN A 422 -10.26 14.85 13.05
N LEU A 423 -9.28 14.26 13.73
CA LEU A 423 -9.48 13.01 14.46
C LEU A 423 -10.58 13.12 15.50
N THR A 424 -10.60 14.22 16.25
CA THR A 424 -11.64 14.45 17.23
C THR A 424 -13.01 14.52 16.54
N GLU A 425 -13.07 15.31 15.48
CA GLU A 425 -14.31 15.42 14.71
C GLU A 425 -14.73 14.06 14.16
N LEU A 426 -13.78 13.32 13.61
CA LEU A 426 -14.06 12.01 13.02
C LEU A 426 -14.62 11.05 14.05
N ILE A 427 -13.84 10.81 15.11
CA ILE A 427 -14.27 9.90 16.16
C ILE A 427 -15.64 10.31 16.71
N ASN A 428 -15.85 11.61 16.85
CA ASN A 428 -17.13 12.12 17.30
C ASN A 428 -18.22 11.80 16.29
N GLY A 429 -17.90 11.92 15.01
CA GLY A 429 -18.82 11.57 13.94
C GLY A 429 -19.16 10.09 13.95
N VAL A 430 -18.18 9.26 14.27
CA VAL A 430 -18.38 7.80 14.33
C VAL A 430 -19.27 7.44 15.52
N LEU A 431 -18.99 8.05 16.67
CA LEU A 431 -19.80 7.84 17.86
C LEU A 431 -21.25 8.27 17.60
N SER A 432 -21.41 9.32 16.80
CA SER A 432 -22.74 9.78 16.44
C SER A 432 -23.43 8.80 15.51
N LEU A 433 -22.64 8.14 14.66
CA LEU A 433 -23.18 7.12 13.76
C LEU A 433 -23.69 5.96 14.58
N SER A 434 -22.88 5.52 15.54
CA SER A 434 -23.19 4.34 16.33
C SER A 434 -24.40 4.50 17.23
N LYS A 435 -24.70 5.74 17.63
CA LYS A 435 -25.88 5.99 18.47
C LYS A 435 -27.17 5.78 17.67
N ASN A 436 -27.11 6.07 16.38
CA ASN A 436 -28.21 5.74 15.48
C ASN A 436 -27.75 5.58 14.03
N PRO A 437 -27.98 4.41 13.45
CA PRO A 437 -27.55 4.08 12.09
C PRO A 437 -28.05 5.06 11.04
N ASP A 438 -29.25 5.60 11.25
CA ASP A 438 -29.95 6.37 10.22
C ASP A 438 -29.57 7.85 10.16
N ILE A 439 -28.42 8.21 10.70
CA ILE A 439 -28.02 9.62 10.76
C ILE A 439 -27.70 10.20 9.38
N SER A 440 -28.09 11.45 9.17
CA SER A 440 -27.88 12.11 7.87
C SER A 440 -26.48 12.71 7.73
N ILE A 441 -26.00 12.79 6.50
CA ILE A 441 -24.72 13.42 6.21
C ILE A 441 -24.68 14.84 6.77
N ALA A 442 -25.84 15.49 6.77
CA ALA A 442 -25.96 16.84 7.28
C ALA A 442 -25.73 16.87 8.79
N GLU A 443 -26.11 15.79 9.47
CA GLU A 443 -25.90 15.68 10.91
C GLU A 443 -24.49 15.23 11.24
N LEU A 444 -23.97 14.24 10.49
CA LEU A 444 -22.57 13.86 10.60
C LEU A 444 -21.70 15.11 10.55
N MET A 445 -22.15 16.08 9.76
CA MET A 445 -21.39 17.31 9.53
C MET A 445 -21.46 18.29 10.68
N GLU A 446 -22.28 17.99 11.68
CA GLU A 446 -22.30 18.82 12.88
C GLU A 446 -21.10 18.44 13.75
N ASP A 447 -20.59 17.24 13.53
CA ASP A 447 -19.35 16.79 14.15
C ASP A 447 -18.19 17.09 13.20
N ILE A 448 -18.27 16.54 12.00
CA ILE A 448 -17.22 16.68 11.01
C ILE A 448 -17.37 17.97 10.21
N GLU A 449 -16.73 19.04 10.68
CA GLU A 449 -16.82 20.35 10.06
C GLU A 449 -16.46 20.34 8.57
N GLY A 450 -15.58 19.41 8.20
CA GLY A 450 -15.08 19.32 6.84
C GLY A 450 -13.62 18.92 6.89
N PRO A 451 -12.92 19.01 5.74
CA PRO A 451 -11.50 18.69 5.72
C PRO A 451 -10.71 19.45 6.77
N ASP A 452 -9.47 19.02 7.01
CA ASP A 452 -8.61 19.68 7.97
C ASP A 452 -7.17 19.33 7.61
N PHE A 453 -6.53 20.17 6.81
CA PHE A 453 -5.20 19.88 6.31
C PHE A 453 -4.12 20.12 7.37
N PRO A 454 -3.08 19.27 7.38
CA PRO A 454 -1.93 19.45 8.27
C PRO A 454 -1.34 20.85 8.08
N THR A 455 -1.43 21.37 6.85
CA THR A 455 -0.84 22.64 6.50
C THR A 455 -1.69 23.83 6.95
N ALA A 456 -2.81 23.53 7.60
CA ALA A 456 -3.74 24.59 8.02
C ALA A 456 -4.35 25.32 6.81
N GLY A 457 -4.27 26.64 6.81
CA GLY A 457 -4.80 27.43 5.71
C GLY A 457 -6.30 27.59 5.79
N LEU A 458 -6.91 28.14 4.74
CA LEU A 458 -8.35 28.40 4.74
C LEU A 458 -9.09 27.60 3.66
N ILE A 459 -10.30 27.20 3.98
CA ILE A 459 -11.22 26.64 3.01
C ILE A 459 -12.31 27.69 2.77
N LEU A 460 -12.68 27.88 1.51
CA LEU A 460 -13.49 29.04 1.12
C LEU A 460 -15.00 28.91 1.24
N GLY A 461 -15.51 27.77 1.70
CA GLY A 461 -16.94 27.63 1.86
C GLY A 461 -17.41 26.22 2.10
N LYS A 462 -18.62 26.09 2.67
CA LYS A 462 -19.21 24.79 2.96
C LYS A 462 -19.78 24.11 1.71
N SER A 463 -19.77 24.84 0.60
CA SER A 463 -20.35 24.35 -0.66
C SER A 463 -19.73 23.04 -1.14
N GLY A 464 -18.50 23.12 -1.64
CA GLY A 464 -17.80 21.96 -2.15
C GLY A 464 -17.71 20.86 -1.11
N ILE A 465 -17.63 21.24 0.15
CA ILE A 465 -17.61 20.28 1.24
C ILE A 465 -18.89 19.45 1.23
N ARG A 466 -20.03 20.14 1.26
CA ARG A 466 -21.33 19.47 1.15
C ARG A 466 -21.35 18.49 -0.01
N ARG A 467 -21.15 19.00 -1.22
CA ARG A 467 -21.16 18.16 -2.42
C ARG A 467 -20.23 16.96 -2.28
N ALA A 468 -19.04 17.19 -1.75
CA ALA A 468 -18.06 16.12 -1.60
C ALA A 468 -18.54 15.07 -0.61
N TYR A 469 -19.21 15.51 0.45
CA TYR A 469 -19.68 14.59 1.48
C TYR A 469 -20.95 13.85 1.07
N GLU A 470 -21.81 14.53 0.30
CA GLU A 470 -23.07 13.94 -0.15
C GLU A 470 -22.87 12.96 -1.29
N THR A 471 -21.83 13.18 -2.08
CA THR A 471 -21.64 12.39 -3.30
C THR A 471 -20.26 11.73 -3.41
N GLY A 472 -19.26 12.27 -2.72
CA GLY A 472 -17.92 11.74 -2.82
C GLY A 472 -17.08 12.52 -3.82
N ARG A 473 -17.71 13.51 -4.46
CA ARG A 473 -17.01 14.37 -5.41
C ARG A 473 -17.41 15.83 -5.25
N GLY A 474 -16.40 16.69 -5.28
CA GLY A 474 -16.62 18.12 -5.18
C GLY A 474 -15.31 18.86 -5.13
N SER A 475 -15.28 20.04 -5.76
CA SER A 475 -14.12 20.89 -5.69
C SER A 475 -14.15 21.63 -4.37
N ILE A 476 -13.01 21.68 -3.69
CA ILE A 476 -12.88 22.44 -2.45
C ILE A 476 -11.83 23.52 -2.63
N GLN A 477 -12.15 24.73 -2.21
CA GLN A 477 -11.26 25.87 -2.41
C GLN A 477 -10.33 26.12 -1.23
N MET A 478 -9.05 25.90 -1.45
CA MET A 478 -8.04 26.15 -0.42
C MET A 478 -7.32 27.45 -0.71
N ARG A 479 -7.38 28.39 0.21
CA ARG A 479 -6.63 29.63 0.07
C ARG A 479 -5.64 29.81 1.21
N SER A 480 -4.44 30.26 0.88
CA SER A 480 -3.43 30.55 1.89
C SER A 480 -3.97 31.47 2.98
N ARG A 481 -3.30 31.46 4.13
CA ARG A 481 -3.58 32.47 5.14
C ARG A 481 -2.63 33.62 4.86
N ALA A 482 -3.18 34.74 4.41
CA ALA A 482 -2.40 35.92 4.08
C ALA A 482 -2.99 37.16 4.74
N VAL A 483 -2.11 38.03 5.21
CA VAL A 483 -2.52 39.35 5.71
C VAL A 483 -1.60 40.39 5.12
N ILE A 484 -2.08 41.64 5.06
CA ILE A 484 -1.24 42.75 4.65
C ILE A 484 -0.97 43.63 5.86
N GLU A 485 0.23 44.18 5.92
CA GLU A 485 0.61 45.04 7.02
C GLU A 485 1.28 46.32 6.53
N GLU A 486 0.88 47.45 7.09
CA GLU A 486 1.40 48.74 6.68
C GLU A 486 2.65 49.13 7.46
N ARG A 487 3.69 49.57 6.75
CA ARG A 487 4.92 50.02 7.40
C ARG A 487 5.39 51.40 6.96
N GLY A 488 6.72 51.59 6.92
CA GLY A 488 7.36 52.88 6.72
C GLY A 488 6.69 53.96 5.89
N GLY A 489 7.38 54.41 4.85
CA GLY A 489 6.92 55.49 4.01
C GLY A 489 5.73 55.10 3.15
N GLY A 490 4.63 54.74 3.81
CA GLY A 490 3.43 54.33 3.13
C GLY A 490 3.55 52.98 2.45
N ARG A 491 4.69 52.30 2.66
CA ARG A 491 4.90 51.00 2.03
C ARG A 491 4.06 49.94 2.71
N GLN A 492 3.70 48.91 1.93
CA GLN A 492 2.87 47.84 2.44
C GLN A 492 3.60 46.50 2.38
N ARG A 493 2.94 45.46 2.90
CA ARG A 493 3.56 44.14 2.93
C ARG A 493 2.55 42.99 3.04
N ILE A 494 2.72 41.99 2.19
CA ILE A 494 1.93 40.78 2.28
C ILE A 494 2.73 39.69 3.01
N VAL A 495 2.10 39.07 4.00
CA VAL A 495 2.74 38.01 4.74
C VAL A 495 1.91 36.74 4.67
N VAL A 496 2.44 35.73 3.99
CA VAL A 496 1.76 34.45 3.84
C VAL A 496 2.19 33.52 4.96
N THR A 497 1.26 33.17 5.83
CA THR A 497 1.57 32.36 7.01
C THR A 497 1.39 30.85 6.77
N GLU A 498 0.26 30.46 6.21
CA GLU A 498 0.07 29.07 5.84
C GLU A 498 -0.39 28.95 4.38
N ILE A 499 0.14 27.94 3.70
CA ILE A 499 -0.18 27.69 2.29
C ILE A 499 -1.11 26.49 2.13
N PRO A 500 -1.74 26.35 0.95
CA PRO A 500 -2.63 25.22 0.69
C PRO A 500 -1.92 23.87 0.69
N PHE A 501 -2.65 22.82 1.05
CA PHE A 501 -2.13 21.47 1.13
C PHE A 501 -1.44 21.02 -0.15
N GLN A 502 -0.33 20.29 0.00
CA GLN A 502 0.39 19.68 -1.11
C GLN A 502 0.90 20.65 -2.18
N VAL A 503 0.68 21.94 -2.00
CA VAL A 503 1.25 22.95 -2.87
C VAL A 503 2.76 23.08 -2.65
N ASN A 504 3.53 23.04 -3.73
CA ASN A 504 4.98 23.15 -3.61
C ASN A 504 5.41 24.61 -3.45
N LYS A 505 5.69 24.99 -2.20
CA LYS A 505 6.00 26.37 -1.85
C LYS A 505 7.05 27.03 -2.74
N ALA A 506 8.14 26.31 -3.00
CA ALA A 506 9.21 26.84 -3.85
C ALA A 506 8.67 27.22 -5.23
N ARG A 507 7.97 26.28 -5.86
CA ARG A 507 7.43 26.51 -7.19
C ARG A 507 6.47 27.69 -7.22
N MET A 508 5.81 27.94 -6.10
CA MET A 508 4.91 29.09 -5.98
C MET A 508 5.70 30.39 -5.94
N ILE A 509 6.70 30.44 -5.06
CA ILE A 509 7.62 31.58 -5.00
C ILE A 509 8.27 31.80 -6.37
N GLU A 510 8.82 30.73 -6.92
CA GLU A 510 9.47 30.78 -8.23
C GLU A 510 8.52 31.30 -9.30
N LYS A 511 7.21 31.17 -9.04
CA LYS A 511 6.19 31.56 -10.01
C LYS A 511 5.90 33.06 -9.94
N ILE A 512 5.60 33.54 -8.73
CA ILE A 512 5.37 34.96 -8.52
C ILE A 512 6.49 35.78 -9.14
N ALA A 513 7.71 35.29 -8.97
CA ALA A 513 8.88 35.94 -9.55
C ALA A 513 8.73 36.10 -11.05
N GLU A 514 8.19 35.08 -11.72
CA GLU A 514 7.99 35.15 -13.16
C GLU A 514 6.96 36.22 -13.49
N LEU A 515 5.84 36.21 -12.77
CA LEU A 515 4.78 37.19 -12.98
C LEU A 515 5.29 38.62 -12.81
N VAL A 516 6.45 38.75 -12.17
CA VAL A 516 7.05 40.06 -11.96
C VAL A 516 8.06 40.39 -13.06
N ARG A 517 8.82 39.41 -13.50
CA ARG A 517 9.73 39.63 -14.62
C ARG A 517 8.94 39.79 -15.91
N ASP A 518 7.84 39.05 -16.01
CA ASP A 518 6.94 39.16 -17.15
C ASP A 518 6.00 40.36 -16.96
N LYS A 519 6.40 41.26 -16.07
CA LYS A 519 5.70 42.52 -15.83
C LYS A 519 4.18 42.39 -15.72
N LYS A 520 3.71 41.21 -15.34
CA LYS A 520 2.27 40.97 -15.19
C LYS A 520 1.81 41.36 -13.78
N ILE A 521 2.76 41.77 -12.95
CA ILE A 521 2.48 42.19 -11.59
C ILE A 521 3.34 43.40 -11.28
N ASP A 522 2.69 44.50 -10.91
CA ASP A 522 3.40 45.71 -10.52
C ASP A 522 3.12 46.09 -9.07
N GLY A 523 4.19 46.47 -8.36
CA GLY A 523 4.09 46.88 -6.98
C GLY A 523 4.99 46.06 -6.07
N ILE A 524 5.40 44.89 -6.52
CA ILE A 524 6.26 44.02 -5.74
C ILE A 524 7.73 44.44 -5.85
N THR A 525 8.24 45.05 -4.79
CA THR A 525 9.60 45.55 -4.76
C THR A 525 10.57 44.49 -4.23
N ASP A 526 10.04 43.47 -3.58
CA ASP A 526 10.86 42.37 -3.10
C ASP A 526 9.98 41.23 -2.60
N LEU A 527 10.46 40.00 -2.75
CA LEU A 527 9.77 38.84 -2.20
C LEU A 527 10.78 37.88 -1.58
N ARG A 528 10.51 37.45 -0.35
CA ARG A 528 11.41 36.56 0.38
C ARG A 528 10.66 35.39 0.98
N ASP A 529 11.32 34.24 1.05
CA ASP A 529 10.73 33.07 1.68
C ASP A 529 11.53 32.73 2.93
N GLU A 530 11.17 33.37 4.04
CA GLU A 530 11.92 33.24 5.28
C GLU A 530 11.44 32.08 6.14
N THR A 531 10.79 31.10 5.51
CA THR A 531 10.25 29.95 6.23
C THR A 531 11.36 29.19 6.94
N SER A 532 11.22 29.05 8.25
CA SER A 532 12.16 28.28 9.07
C SER A 532 11.38 27.47 10.09
N LEU A 533 12.10 26.81 10.99
CA LEU A 533 11.47 26.00 12.03
C LEU A 533 10.91 26.89 13.13
N ARG A 534 11.59 28.00 13.42
CA ARG A 534 11.15 28.91 14.46
C ARG A 534 10.07 29.87 13.99
N THR A 535 10.25 30.43 12.79
CA THR A 535 9.29 31.40 12.26
C THR A 535 8.09 30.71 11.63
N GLY A 536 8.22 29.41 11.36
CA GLY A 536 7.19 28.68 10.65
C GLY A 536 7.15 29.18 9.21
N VAL A 537 6.11 28.80 8.47
CA VAL A 537 5.98 29.26 7.09
C VAL A 537 5.88 30.77 7.10
N ARG A 538 6.68 31.41 6.26
CA ARG A 538 6.67 32.87 6.13
C ARG A 538 7.18 33.30 4.78
N VAL A 539 6.25 33.54 3.85
CA VAL A 539 6.59 34.18 2.59
C VAL A 539 6.23 35.65 2.73
N VAL A 540 7.18 36.52 2.43
CA VAL A 540 6.97 37.94 2.57
C VAL A 540 7.09 38.67 1.24
N ILE A 541 6.01 39.34 0.86
CA ILE A 541 5.97 40.13 -0.37
C ILE A 541 5.96 41.62 -0.05
N ASP A 542 7.03 42.31 -0.43
CA ASP A 542 7.10 43.75 -0.19
C ASP A 542 6.46 44.53 -1.31
N VAL A 543 5.35 45.19 -1.00
CA VAL A 543 4.63 46.04 -1.94
C VAL A 543 5.15 47.47 -1.81
N ARG A 544 5.02 48.27 -2.87
CA ARG A 544 5.49 49.65 -2.77
C ARG A 544 4.37 50.62 -2.39
N LYS A 545 4.73 51.88 -2.21
CA LYS A 545 3.79 52.91 -1.74
C LYS A 545 2.65 53.15 -2.74
N ASP A 546 2.99 53.24 -4.02
CA ASP A 546 2.00 53.54 -5.06
C ASP A 546 1.07 52.37 -5.32
N ALA A 547 1.56 51.15 -5.13
CA ALA A 547 0.79 49.95 -5.42
C ALA A 547 -0.28 49.69 -4.38
N ASN A 548 -1.16 48.73 -4.65
CA ASN A 548 -2.17 48.33 -3.69
C ASN A 548 -2.04 46.86 -3.30
N ALA A 549 -1.38 46.62 -2.17
CA ALA A 549 -1.13 45.27 -1.68
C ALA A 549 -2.38 44.40 -1.72
N SER A 550 -3.47 44.92 -1.18
CA SER A 550 -4.74 44.21 -1.16
C SER A 550 -5.11 43.70 -2.55
N VAL A 551 -5.07 44.61 -3.52
CA VAL A 551 -5.35 44.28 -4.91
C VAL A 551 -4.40 43.22 -5.44
N ILE A 552 -3.11 43.42 -5.21
CA ILE A 552 -2.10 42.46 -5.62
C ILE A 552 -2.45 41.10 -5.05
N LEU A 553 -2.66 41.04 -3.73
CA LEU A 553 -3.01 39.79 -3.05
C LEU A 553 -4.11 39.02 -3.77
N ASN A 554 -5.24 39.67 -4.00
CA ASN A 554 -6.35 39.05 -4.73
C ASN A 554 -5.95 38.60 -6.14
N ASN A 555 -4.90 39.20 -6.67
CA ASN A 555 -4.41 38.83 -7.98
C ASN A 555 -3.51 37.60 -7.91
N LEU A 556 -2.98 37.32 -6.73
CA LEU A 556 -2.22 36.10 -6.53
C LEU A 556 -3.14 34.89 -6.45
N TYR A 557 -4.28 35.05 -5.79
CA TYR A 557 -5.25 33.97 -5.68
C TYR A 557 -5.62 33.47 -7.06
N LYS A 558 -5.41 34.33 -8.06
CA LYS A 558 -5.80 34.05 -9.43
C LYS A 558 -4.63 33.49 -10.23
N GLN A 559 -3.54 34.24 -10.25
CA GLN A 559 -2.40 33.92 -11.09
C GLN A 559 -1.43 32.89 -10.49
N THR A 560 -1.69 32.45 -9.25
CA THR A 560 -0.78 31.50 -8.60
C THR A 560 -1.47 30.44 -7.74
N PRO A 561 -0.70 29.39 -7.38
CA PRO A 561 -1.10 28.33 -6.46
C PRO A 561 -1.42 28.87 -5.07
N LEU A 562 -1.21 30.18 -4.87
CA LEU A 562 -1.49 30.81 -3.59
C LEU A 562 -2.94 30.55 -3.18
N GLN A 563 -3.74 30.16 -4.17
CA GLN A 563 -5.02 29.51 -3.92
C GLN A 563 -5.05 28.30 -4.82
N THR A 564 -5.43 27.16 -4.26
CA THR A 564 -5.52 25.91 -5.00
C THR A 564 -6.83 25.19 -4.70
N SER A 565 -7.37 24.50 -5.69
CA SER A 565 -8.56 23.71 -5.48
C SER A 565 -8.17 22.29 -5.11
N PHE A 566 -8.93 21.69 -4.21
CA PHE A 566 -8.78 20.28 -3.90
C PHE A 566 -9.96 19.53 -4.53
N GLY A 567 -9.68 18.69 -5.50
CA GLY A 567 -10.74 17.93 -6.14
C GLY A 567 -11.02 16.65 -5.39
N VAL A 568 -12.00 16.69 -4.48
CA VAL A 568 -12.36 15.48 -3.75
C VAL A 568 -12.85 14.43 -4.74
N ASN A 569 -12.66 13.17 -4.38
CA ASN A 569 -12.98 12.05 -5.24
C ASN A 569 -12.81 10.80 -4.39
N MET A 570 -13.82 10.51 -3.58
CA MET A 570 -13.71 9.48 -2.55
C MET A 570 -13.85 8.04 -3.04
N ILE A 571 -12.80 7.53 -3.68
CA ILE A 571 -12.78 6.15 -4.14
C ILE A 571 -11.90 5.31 -3.25
N ALA A 572 -12.36 4.11 -2.90
CA ALA A 572 -11.59 3.23 -2.04
C ALA A 572 -12.01 1.78 -2.22
N LEU A 573 -11.14 0.86 -1.85
CA LEU A 573 -11.45 -0.57 -1.88
C LEU A 573 -12.53 -0.92 -0.86
N VAL A 574 -13.74 -1.15 -1.36
CA VAL A 574 -14.81 -1.72 -0.55
C VAL A 574 -15.10 -3.12 -1.07
N ASN A 575 -15.07 -4.10 -0.18
CA ASN A 575 -15.31 -5.47 -0.58
C ASN A 575 -14.46 -5.89 -1.78
N GLY A 576 -13.16 -5.66 -1.69
CA GLY A 576 -12.23 -6.06 -2.74
C GLY A 576 -12.37 -5.28 -4.02
N ARG A 577 -13.46 -4.54 -4.15
CA ARG A 577 -13.72 -3.78 -5.37
C ARG A 577 -13.63 -2.28 -5.13
N PRO A 578 -13.09 -1.54 -6.11
CA PRO A 578 -12.99 -0.08 -6.02
C PRO A 578 -14.39 0.51 -6.02
N LYS A 579 -14.69 1.36 -5.05
CA LYS A 579 -16.01 1.96 -4.96
C LYS A 579 -15.91 3.43 -4.60
N LEU A 580 -16.89 4.20 -5.04
CA LEU A 580 -17.01 5.60 -4.69
C LEU A 580 -17.91 5.71 -3.46
N ILE A 581 -17.50 6.51 -2.49
CA ILE A 581 -18.23 6.64 -1.24
C ILE A 581 -18.47 8.10 -0.88
N ASN A 582 -19.53 8.33 -0.11
CA ASN A 582 -19.78 9.63 0.48
C ASN A 582 -19.37 9.60 1.94
N LEU A 583 -19.55 10.70 2.66
CA LEU A 583 -19.09 10.77 4.04
C LEU A 583 -19.64 9.64 4.89
N LYS A 584 -20.96 9.55 5.01
CA LYS A 584 -21.56 8.52 5.84
C LYS A 584 -21.01 7.12 5.52
N GLU A 585 -21.11 6.73 4.25
CA GLU A 585 -20.67 5.41 3.82
C GLU A 585 -19.25 5.08 4.27
N ALA A 586 -18.33 6.02 4.14
CA ALA A 586 -16.95 5.81 4.60
C ALA A 586 -16.86 5.44 6.07
N LEU A 587 -17.58 6.18 6.92
CA LEU A 587 -17.62 5.89 8.35
C LEU A 587 -18.32 4.56 8.62
N VAL A 588 -19.37 4.28 7.88
CA VAL A 588 -20.15 3.07 8.08
C VAL A 588 -19.29 1.83 7.91
N HIS A 589 -18.59 1.75 6.78
CA HIS A 589 -17.67 0.63 6.56
C HIS A 589 -16.60 0.61 7.64
N TYR A 590 -16.23 1.79 8.14
CA TYR A 590 -15.22 1.88 9.19
C TYR A 590 -15.74 1.30 10.50
N LEU A 591 -16.82 1.89 11.01
CA LEU A 591 -17.39 1.42 12.26
C LEU A 591 -17.63 -0.09 12.20
N GLU A 592 -18.15 -0.56 11.06
CA GLU A 592 -18.36 -1.97 10.85
C GLU A 592 -17.08 -2.73 11.12
N HIS A 593 -15.99 -2.27 10.51
CA HIS A 593 -14.69 -2.90 10.69
C HIS A 593 -14.30 -2.98 12.16
N GLN A 594 -14.65 -1.94 12.91
CA GLN A 594 -14.31 -1.89 14.33
C GLN A 594 -15.10 -2.90 15.15
N LYS A 595 -16.37 -3.10 14.79
CA LYS A 595 -17.20 -4.10 15.45
C LYS A 595 -16.67 -5.48 15.15
N THR A 596 -16.12 -5.65 13.95
CA THR A 596 -15.55 -6.93 13.56
C THR A 596 -14.25 -7.19 14.30
N VAL A 597 -13.41 -6.17 14.39
CA VAL A 597 -12.13 -6.28 15.09
C VAL A 597 -12.33 -6.65 16.55
N VAL A 598 -13.19 -5.91 17.24
CA VAL A 598 -13.42 -6.14 18.67
C VAL A 598 -14.02 -7.52 18.95
N ARG A 599 -15.05 -7.91 18.19
CA ARG A 599 -15.64 -9.23 18.38
C ARG A 599 -14.59 -10.31 18.11
N ARG A 600 -13.94 -10.22 16.95
CA ARG A 600 -12.92 -11.19 16.57
C ARG A 600 -11.82 -11.28 17.63
N ARG A 601 -11.57 -10.18 18.32
CA ARG A 601 -10.55 -10.17 19.36
C ARG A 601 -11.05 -10.91 20.59
N THR A 602 -12.26 -10.56 21.02
CA THR A 602 -12.89 -11.23 22.15
C THR A 602 -12.83 -12.73 21.95
N GLN A 603 -13.26 -13.19 20.78
CA GLN A 603 -13.26 -14.61 20.45
C GLN A 603 -11.86 -15.22 20.56
N TYR A 604 -10.89 -14.61 19.90
CA TYR A 604 -9.50 -15.07 20.01
C TYR A 604 -9.08 -15.18 21.46
N ASN A 605 -9.27 -14.10 22.21
CA ASN A 605 -8.91 -14.07 23.63
C ASN A 605 -9.62 -15.18 24.42
N LEU A 606 -10.88 -15.42 24.11
CA LEU A 606 -11.67 -16.43 24.81
C LEU A 606 -11.19 -17.85 24.53
N ARG A 607 -10.87 -18.15 23.28
CA ARG A 607 -10.45 -19.51 22.91
C ARG A 607 -8.98 -19.74 23.25
N LYS A 608 -8.26 -18.67 23.51
CA LYS A 608 -6.86 -18.77 23.89
C LYS A 608 -6.77 -18.99 25.39
N ALA A 609 -7.77 -18.48 26.12
CA ALA A 609 -7.84 -18.63 27.57
C ALA A 609 -8.29 -20.04 27.95
N LYS A 610 -9.31 -20.54 27.25
CA LYS A 610 -9.76 -21.91 27.45
C LYS A 610 -8.60 -22.88 27.22
N ASP A 611 -7.97 -22.77 26.04
CA ASP A 611 -6.78 -23.55 25.73
C ASP A 611 -5.82 -23.61 26.91
N ARG A 612 -5.57 -22.44 27.51
CA ARG A 612 -4.63 -22.31 28.63
C ARG A 612 -5.20 -22.83 29.95
N ALA A 613 -6.50 -22.65 30.15
CA ALA A 613 -7.18 -23.17 31.33
C ALA A 613 -7.12 -24.68 31.30
N HIS A 614 -7.39 -25.25 30.13
CA HIS A 614 -7.29 -26.69 29.93
C HIS A 614 -5.89 -27.17 30.28
N ILE A 615 -4.88 -26.50 29.73
CA ILE A 615 -3.50 -26.88 29.99
C ILE A 615 -3.11 -26.75 31.47
N LEU A 616 -3.72 -25.79 32.16
CA LEU A 616 -3.44 -25.59 33.59
C LEU A 616 -4.02 -26.71 34.46
N GLU A 617 -5.18 -27.21 34.07
CA GLU A 617 -5.83 -28.29 34.80
C GLU A 617 -4.92 -29.51 34.81
N GLY A 618 -4.35 -29.83 33.66
CA GLY A 618 -3.43 -30.95 33.57
C GLY A 618 -2.18 -30.75 34.40
N LEU A 619 -1.71 -29.51 34.46
CA LEU A 619 -0.54 -29.18 35.27
C LEU A 619 -0.83 -29.32 36.76
N ARG A 620 -2.01 -28.87 37.19
CA ARG A 620 -2.40 -28.99 38.59
C ARG A 620 -2.38 -30.46 38.97
N ILE A 621 -3.23 -31.24 38.30
CA ILE A 621 -3.22 -32.69 38.44
C ILE A 621 -1.78 -33.19 38.46
N ALA A 622 -1.07 -32.93 37.38
CA ALA A 622 0.34 -33.30 37.24
C ALA A 622 1.13 -33.04 38.52
N LEU A 623 1.21 -31.77 38.91
CA LEU A 623 1.96 -31.39 40.10
C LEU A 623 1.46 -32.09 41.38
N ASP A 624 0.15 -32.07 41.61
CA ASP A 624 -0.41 -32.66 42.82
C ASP A 624 0.10 -34.08 43.02
N HIS A 625 -0.15 -34.94 42.03
CA HIS A 625 0.27 -36.33 42.11
C HIS A 625 1.65 -36.51 41.49
N ILE A 626 2.55 -35.55 41.69
CA ILE A 626 3.87 -35.60 41.06
C ILE A 626 4.59 -36.93 41.26
N ASP A 627 4.68 -37.39 42.50
CA ASP A 627 5.32 -38.67 42.81
C ASP A 627 4.88 -39.70 41.77
N GLU A 628 3.57 -39.82 41.60
CA GLU A 628 2.99 -40.75 40.64
C GLU A 628 3.52 -40.47 39.24
N ILE A 629 3.32 -39.24 38.80
CA ILE A 629 3.73 -38.80 37.47
C ILE A 629 5.17 -39.23 37.13
N ILE A 630 6.10 -38.96 38.04
CA ILE A 630 7.48 -39.35 37.81
C ILE A 630 7.62 -40.87 37.78
N SER A 631 6.84 -41.55 38.62
CA SER A 631 6.85 -43.01 38.65
C SER A 631 6.47 -43.58 37.29
N THR A 632 5.29 -43.20 36.79
CA THR A 632 4.80 -43.71 35.51
C THR A 632 5.62 -43.27 34.31
N ILE A 633 6.27 -42.12 34.42
CA ILE A 633 7.12 -41.63 33.34
C ILE A 633 8.47 -42.35 33.30
N ARG A 634 9.13 -42.45 34.46
CA ARG A 634 10.43 -43.09 34.52
C ARG A 634 10.33 -44.60 34.28
N GLU A 635 9.10 -45.11 34.30
CA GLU A 635 8.87 -46.52 34.01
C GLU A 635 8.67 -46.72 32.52
N SER A 636 8.32 -45.63 31.82
CA SER A 636 8.08 -45.65 30.39
C SER A 636 9.39 -45.72 29.61
N ASP A 637 9.42 -46.53 28.55
CA ASP A 637 10.65 -46.70 27.77
C ASP A 637 10.80 -45.66 26.67
N THR A 638 9.68 -45.23 26.08
CA THR A 638 9.71 -44.19 25.07
C THR A 638 8.73 -43.07 25.41
N ASP A 639 8.98 -41.88 24.86
CA ASP A 639 8.13 -40.73 25.13
C ASP A 639 6.69 -40.96 24.63
N LYS A 640 6.52 -41.88 23.68
CA LYS A 640 5.19 -42.15 23.16
C LYS A 640 4.33 -42.97 24.13
N VAL A 641 4.91 -44.01 24.71
CA VAL A 641 4.19 -44.80 25.71
C VAL A 641 3.98 -43.97 26.97
N ALA A 642 4.91 -43.06 27.24
CA ALA A 642 4.76 -42.14 28.35
C ALA A 642 3.46 -41.37 28.17
N MET A 643 3.31 -40.75 27.01
CA MET A 643 2.07 -40.07 26.64
C MET A 643 0.87 -40.94 26.97
N GLU A 644 0.95 -42.20 26.56
CA GLU A 644 -0.13 -43.16 26.74
C GLU A 644 -0.48 -43.44 28.19
N SER A 645 0.51 -43.81 29.00
CA SER A 645 0.26 -44.08 30.41
C SER A 645 -0.39 -42.88 31.08
N LEU A 646 0.23 -41.72 30.91
CA LEU A 646 -0.21 -40.47 31.54
C LEU A 646 -1.68 -40.15 31.27
N GLN A 647 -2.08 -40.19 30.02
CA GLN A 647 -3.47 -39.96 29.65
C GLN A 647 -4.37 -41.02 30.27
N GLN A 648 -3.87 -42.25 30.26
CA GLN A 648 -4.62 -43.41 30.74
C GLN A 648 -4.85 -43.32 32.25
N ARG A 649 -3.77 -43.11 32.99
CA ARG A 649 -3.81 -43.22 34.45
C ARG A 649 -4.35 -41.98 35.17
N PHE A 650 -4.05 -40.81 34.65
CA PHE A 650 -4.48 -39.56 35.29
C PHE A 650 -5.57 -38.90 34.46
N LYS A 651 -5.97 -39.58 33.38
CA LYS A 651 -7.05 -39.11 32.54
C LYS A 651 -6.75 -37.74 31.95
N LEU A 652 -5.50 -37.53 31.55
CA LEU A 652 -5.08 -36.30 30.91
C LEU A 652 -5.42 -36.34 29.42
N SER A 653 -5.48 -35.16 28.80
CA SER A 653 -5.73 -35.08 27.36
C SER A 653 -4.41 -35.09 26.63
N GLU A 654 -4.46 -35.26 25.31
CA GLU A 654 -3.25 -35.31 24.50
C GLU A 654 -2.38 -34.08 24.76
N LYS A 655 -2.97 -32.89 24.61
CA LYS A 655 -2.26 -31.66 24.89
C LYS A 655 -1.70 -31.67 26.31
N GLN A 656 -2.55 -32.00 27.28
CA GLN A 656 -2.17 -31.98 28.69
C GLN A 656 -0.99 -32.89 28.99
N ALA A 657 -1.08 -34.13 28.53
CA ALA A 657 -0.01 -35.10 28.72
C ALA A 657 1.28 -34.52 28.17
N GLN A 658 1.18 -33.91 26.99
CA GLN A 658 2.33 -33.32 26.32
C GLN A 658 2.98 -32.26 27.20
N ALA A 659 2.17 -31.33 27.69
CA ALA A 659 2.65 -30.24 28.54
C ALA A 659 3.40 -30.73 29.78
N ILE A 660 2.88 -31.79 30.39
CA ILE A 660 3.48 -32.38 31.57
C ILE A 660 4.86 -32.99 31.23
N LEU A 661 4.99 -33.51 30.02
CA LEU A 661 6.26 -34.08 29.56
C LEU A 661 7.27 -32.99 29.24
N ASP A 662 6.75 -31.81 28.90
CA ASP A 662 7.64 -30.69 28.57
C ASP A 662 7.93 -29.83 29.79
N MET A 663 7.32 -30.18 30.91
CA MET A 663 7.62 -29.51 32.17
C MET A 663 9.10 -29.58 32.51
N ARG A 664 9.65 -28.47 33.02
CA ARG A 664 11.03 -28.46 33.48
C ARG A 664 11.10 -28.72 34.98
N LEU A 665 12.13 -29.46 35.40
CA LEU A 665 12.27 -29.83 36.80
C LEU A 665 12.17 -28.62 37.72
N ARG A 666 12.56 -27.45 37.22
CA ARG A 666 12.54 -26.22 38.02
C ARG A 666 11.12 -25.79 38.39
N ARG A 667 10.14 -26.27 37.63
CA ARG A 667 8.75 -25.93 37.91
C ARG A 667 8.24 -26.70 39.11
N LEU A 668 9.12 -27.48 39.71
CA LEU A 668 8.77 -28.32 40.86
C LEU A 668 8.93 -27.60 42.18
N THR A 669 9.56 -26.44 42.15
CA THR A 669 9.77 -25.65 43.36
C THR A 669 8.45 -25.38 44.09
N GLY A 670 8.56 -24.83 45.30
CA GLY A 670 7.42 -24.66 46.18
C GLY A 670 6.38 -23.65 45.76
N LEU A 671 6.82 -22.52 45.23
CA LEU A 671 5.89 -21.43 44.91
C LEU A 671 5.02 -21.73 43.69
N GLU A 672 5.58 -22.49 42.76
CA GLU A 672 4.91 -22.78 41.48
C GLU A 672 3.45 -23.19 41.60
N ARG A 673 3.18 -24.22 42.41
CA ARG A 673 1.83 -24.77 42.51
C ARG A 673 0.76 -23.70 42.70
N ASP A 674 1.06 -22.70 43.52
CA ASP A 674 0.10 -21.65 43.84
C ASP A 674 -0.04 -20.63 42.70
N LYS A 675 1.05 -20.36 42.00
CA LYS A 675 0.97 -19.49 40.83
C LYS A 675 0.07 -20.13 39.78
N ILE A 676 0.20 -21.44 39.64
CA ILE A 676 -0.61 -22.19 38.69
C ILE A 676 -2.08 -22.15 39.09
N GLU A 677 -2.34 -22.25 40.39
CA GLU A 677 -3.69 -22.16 40.90
C GLU A 677 -4.21 -20.72 40.85
N ALA A 678 -3.32 -19.76 41.11
CA ALA A 678 -3.68 -18.35 41.08
C ALA A 678 -4.01 -17.90 39.67
N GLU A 679 -3.16 -18.30 38.72
CA GLU A 679 -3.37 -17.98 37.31
C GLU A 679 -4.66 -18.61 36.82
N TYR A 680 -4.93 -19.82 37.29
CA TYR A 680 -6.14 -20.55 36.94
C TYR A 680 -7.39 -19.82 37.43
N ASN A 681 -7.44 -19.56 38.72
CA ASN A 681 -8.61 -18.93 39.34
C ASN A 681 -8.98 -17.57 38.72
N GLU A 682 -7.99 -16.84 38.24
CA GLU A 682 -8.22 -15.57 37.56
C GLU A 682 -8.70 -15.85 36.13
N LEU A 683 -8.04 -16.79 35.48
CA LEU A 683 -8.32 -17.14 34.10
C LEU A 683 -9.78 -17.55 33.91
N LEU A 684 -10.31 -18.30 34.89
CA LEU A 684 -11.71 -18.69 34.88
C LEU A 684 -12.62 -17.46 34.90
N ASN A 685 -12.29 -16.49 35.75
CA ASN A 685 -13.04 -15.24 35.84
C ASN A 685 -12.99 -14.46 34.52
N TYR A 686 -11.84 -14.51 33.86
CA TYR A 686 -11.62 -13.82 32.60
C TYR A 686 -12.47 -14.44 31.50
N ILE A 687 -12.39 -15.76 31.39
CA ILE A 687 -13.19 -16.50 30.42
C ILE A 687 -14.65 -16.10 30.53
N SER A 688 -15.10 -15.97 31.78
CA SER A 688 -16.47 -15.58 32.08
C SER A 688 -16.82 -14.21 31.50
N GLU A 689 -15.98 -13.21 31.78
CA GLU A 689 -16.20 -11.85 31.33
C GLU A 689 -16.22 -11.73 29.81
N LEU A 690 -15.43 -12.58 29.14
CA LEU A 690 -15.34 -12.54 27.68
C LEU A 690 -16.58 -13.12 27.03
N GLU A 691 -17.10 -14.20 27.59
CA GLU A 691 -18.33 -14.80 27.09
C GLU A 691 -19.49 -13.82 27.28
N THR A 692 -19.36 -12.94 28.27
CA THR A 692 -20.39 -11.95 28.56
C THR A 692 -20.47 -10.88 27.47
N ILE A 693 -19.30 -10.43 27.01
CA ILE A 693 -19.24 -9.47 25.92
C ILE A 693 -19.86 -10.09 24.68
N LEU A 694 -19.24 -11.17 24.21
CA LEU A 694 -19.70 -11.90 23.04
C LEU A 694 -21.21 -12.13 23.04
N ALA A 695 -21.75 -12.53 24.19
CA ALA A 695 -23.17 -12.85 24.29
C ALA A 695 -24.07 -11.66 24.01
N ASP A 696 -23.67 -10.50 24.50
CA ASP A 696 -24.48 -9.29 24.34
C ASP A 696 -23.96 -8.40 23.22
N GLU A 697 -24.85 -8.02 22.31
CA GLU A 697 -24.49 -7.19 21.17
C GLU A 697 -24.02 -5.79 21.58
N GLU A 698 -24.84 -5.08 22.36
CA GLU A 698 -24.53 -3.71 22.76
C GLU A 698 -23.31 -3.61 23.66
N VAL A 699 -23.11 -4.60 24.53
CA VAL A 699 -21.93 -4.63 25.39
C VAL A 699 -20.66 -4.50 24.54
N LEU A 700 -20.65 -5.20 23.40
CA LEU A 700 -19.52 -5.15 22.48
C LEU A 700 -19.44 -3.78 21.79
N LEU A 701 -20.58 -3.28 21.33
CA LEU A 701 -20.62 -1.98 20.67
C LEU A 701 -20.09 -0.88 21.58
N GLN A 702 -20.43 -0.96 22.86
CA GLN A 702 -19.94 0.00 23.83
C GLN A 702 -18.43 -0.15 23.99
N LEU A 703 -17.98 -1.39 24.06
CA LEU A 703 -16.55 -1.68 24.10
C LEU A 703 -15.87 -0.89 22.99
N VAL A 704 -16.44 -0.95 21.79
CA VAL A 704 -15.97 -0.16 20.65
C VAL A 704 -16.11 1.34 20.90
N ARG A 705 -17.27 1.71 21.44
CA ARG A 705 -17.57 3.10 21.77
C ARG A 705 -16.48 3.65 22.68
N ASP A 706 -16.19 2.90 23.75
CA ASP A 706 -15.25 3.34 24.76
C ASP A 706 -13.81 3.38 24.27
N GLU A 707 -13.36 2.30 23.64
CA GLU A 707 -12.01 2.24 23.10
C GLU A 707 -11.78 3.38 22.12
N LEU A 708 -12.78 3.66 21.29
CA LEU A 708 -12.72 4.80 20.37
C LEU A 708 -12.64 6.11 21.14
N THR A 709 -13.51 6.27 22.13
CA THR A 709 -13.53 7.48 22.94
C THR A 709 -12.18 7.70 23.61
N GLU A 710 -11.58 6.62 24.08
CA GLU A 710 -10.29 6.70 24.75
C GLU A 710 -9.19 7.21 23.82
N ILE A 711 -9.16 6.68 22.61
CA ILE A 711 -8.17 7.09 21.63
C ILE A 711 -8.36 8.55 21.22
N ARG A 712 -9.61 8.94 20.99
CA ARG A 712 -9.91 10.33 20.67
C ARG A 712 -9.37 11.26 21.74
N ASP A 713 -9.48 10.81 22.98
CA ASP A 713 -9.05 11.61 24.13
C ASP A 713 -7.54 11.84 24.17
N ARG A 714 -6.77 10.86 23.73
CA ARG A 714 -5.32 10.89 23.84
C ARG A 714 -4.63 11.42 22.59
N PHE A 715 -5.32 11.36 21.45
CA PHE A 715 -4.70 11.72 20.18
C PHE A 715 -5.38 12.89 19.47
N GLY A 716 -6.64 13.14 19.79
CA GLY A 716 -7.39 14.23 19.18
C GLY A 716 -6.72 15.56 19.46
N ASP A 717 -6.80 16.47 18.50
CA ASP A 717 -6.22 17.80 18.67
C ASP A 717 -7.06 18.93 18.06
N ASP A 718 -6.51 20.14 18.09
CA ASP A 718 -7.22 21.31 17.59
C ASP A 718 -7.18 21.39 16.06
N ARG A 719 -8.31 21.77 15.49
CA ARG A 719 -8.45 21.94 14.04
C ARG A 719 -7.54 23.06 13.53
N ARG A 720 -6.88 22.82 12.40
CA ARG A 720 -5.89 23.75 11.86
C ARG A 720 -6.41 24.57 10.67
N THR A 721 -7.22 23.93 9.84
CA THR A 721 -7.80 24.58 8.68
C THR A 721 -9.11 25.27 9.03
N GLU A 722 -9.25 26.54 8.64
CA GLU A 722 -10.46 27.29 8.91
C GLU A 722 -11.42 27.32 7.73
N ILE A 723 -12.61 26.78 7.93
CA ILE A 723 -13.69 26.88 6.94
C ILE A 723 -14.41 28.19 7.18
N GLN A 724 -14.31 29.12 6.25
CA GLN A 724 -14.95 30.42 6.49
C GLN A 724 -16.07 30.80 5.52
N LEU A 725 -16.86 31.78 5.97
CA LEU A 725 -18.11 32.20 5.33
C LEU A 725 -19.26 31.36 5.86
N GLY A 726 -19.31 30.15 5.64
CA CA B . 17.07 2.52 -7.57
#